data_3UZZ
#
_entry.id   3UZZ
#
_cell.length_a   50.046
_cell.length_b   110.088
_cell.length_c   129.619
_cell.angle_alpha   90.000
_cell.angle_beta   90.000
_cell.angle_gamma   90.000
#
_symmetry.space_group_name_H-M   'P 21 21 21'
#
loop_
_entity.id
_entity.type
_entity.pdbx_description
1 polymer '3-oxo-5-beta-steroid 4-dehydrogenase'
2 non-polymer 'NADP NICOTINAMIDE-ADENINE-DINUCLEOTIDE PHOSPHATE'
3 non-polymer TESTOSTERONE
4 non-polymer 'CHLORIDE ION'
5 non-polymer 4-ANDROSTENE-3-17-DIONE
6 water water
#
_entity_poly.entity_id   1
_entity_poly.type   'polypeptide(L)'
_entity_poly.pdbx_seq_one_letter_code
;MGSSHHHHHHSSGLVPRGSHMDLSAASHRIPLSDGNSIPIIGLGTYSEPKSTPKGACATSVKVAIDTGYRHIDGAYIYQN
EHEVGEAIREKIAEGKVRREDIFYCGKLWATNHVPEMVRPTLERTLRVLQLDYVDLYIIHVPMAFKPGDEIYPRDENGKW
LYHKSNLCATWEAMEACKDAGLVKSLGVSNFNRRQLELILNKPGLKHKPVSNQVECHPYFTQPKLLKFCQQHDIVITAYS
PLGTSRNPIWVNVSSPPLLKDALLNSLGKRYNKTAAQIVLRFNIQRGVVVIPKSFNLERIKENFQIFDFSLTEEEMKDIE
ALNKNVRFVELLMWRDHPEYPFHDEY
;
_entity_poly.pdbx_strand_id   A,B
#
# COMPACT_ATOMS: atom_id res chain seq x y z
N ASP A 22 -14.97 2.14 26.09
CA ASP A 22 -14.09 1.81 24.97
C ASP A 22 -14.83 1.12 23.81
N LEU A 23 -15.14 -0.16 23.96
CA LEU A 23 -15.78 -0.93 22.88
C LEU A 23 -17.28 -0.70 22.81
N SER A 24 -17.78 -0.41 21.61
CA SER A 24 -19.21 -0.23 21.39
C SER A 24 -19.60 -0.76 20.02
N ALA A 25 -20.91 -0.95 19.82
CA ALA A 25 -21.40 -1.48 18.55
C ALA A 25 -20.90 -0.63 17.38
N ALA A 26 -20.89 0.69 17.56
CA ALA A 26 -20.53 1.61 16.50
C ALA A 26 -19.02 1.79 16.38
N SER A 27 -18.30 1.43 17.43
CA SER A 27 -16.87 1.68 17.46
C SER A 27 -16.16 0.61 18.28
N HIS A 28 -15.60 -0.38 17.61
CA HIS A 28 -14.90 -1.44 18.31
C HIS A 28 -13.67 -1.91 17.54
N ARG A 29 -12.95 -0.94 16.97
CA ARG A 29 -11.70 -1.26 16.29
C ARG A 29 -10.54 -1.13 17.27
N ILE A 30 -9.60 -2.06 17.19
CA ILE A 30 -8.43 -2.03 18.05
C ILE A 30 -7.15 -1.95 17.22
N PRO A 31 -6.09 -1.40 17.80
CA PRO A 31 -4.88 -1.06 17.04
C PRO A 31 -4.09 -2.27 16.58
N LEU A 32 -3.55 -2.19 15.38
CA LEU A 32 -2.58 -3.16 14.90
C LEU A 32 -1.23 -2.46 14.92
N SER A 33 -0.16 -3.23 15.03
CA SER A 33 1.16 -2.63 15.25
C SER A 33 1.71 -1.83 14.06
N ASP A 34 1.11 -1.99 12.88
CA ASP A 34 1.53 -1.20 11.71
C ASP A 34 0.75 0.11 11.56
N GLY A 35 0.00 0.48 12.59
CA GLY A 35 -0.77 1.71 12.53
C GLY A 35 -2.18 1.56 11.97
N ASN A 36 -2.49 0.38 11.45
CA ASN A 36 -3.86 0.10 11.03
C ASN A 36 -4.68 -0.36 12.24
N SER A 37 -5.96 -0.67 12.01
CA SER A 37 -6.83 -1.13 13.09
C SER A 37 -7.76 -2.25 12.61
N ILE A 38 -8.23 -3.07 13.53
CA ILE A 38 -9.08 -4.21 13.17
C ILE A 38 -10.33 -4.29 14.07
N PRO A 39 -11.53 -4.40 13.43
CA PRO A 39 -12.75 -4.59 14.22
C PRO A 39 -12.65 -5.86 15.05
N ILE A 40 -13.00 -5.74 16.32
CA ILE A 40 -12.75 -6.81 17.27
C ILE A 40 -13.71 -8.00 17.09
N ILE A 41 -14.79 -7.79 16.34
CA ILE A 41 -15.59 -8.91 15.88
C ILE A 41 -15.72 -8.84 14.36
N GLY A 42 -15.68 -10.02 13.72
CA GLY A 42 -15.98 -10.13 12.32
C GLY A 42 -16.84 -11.35 12.05
N LEU A 43 -17.29 -11.49 10.80
CA LEU A 43 -18.07 -12.65 10.36
C LEU A 43 -17.19 -13.68 9.66
N GLY A 44 -17.11 -14.89 10.22
CA GLY A 44 -16.42 -15.98 9.55
C GLY A 44 -17.27 -16.47 8.39
N THR A 45 -16.63 -17.07 7.40
CA THR A 45 -17.36 -17.43 6.19
C THR A 45 -17.06 -18.82 5.67
N TYR A 46 -16.37 -19.65 6.45
CA TYR A 46 -16.23 -21.03 6.00
C TYR A 46 -17.56 -21.75 6.15
N SER A 47 -17.95 -22.44 5.09
CA SER A 47 -19.13 -23.30 5.11
C SER A 47 -18.91 -24.47 4.16
N GLU A 48 -19.28 -25.67 4.59
CA GLU A 48 -19.16 -26.87 3.76
CA GLU A 48 -19.12 -26.85 3.74
C GLU A 48 -19.78 -26.63 2.39
N PRO A 49 -18.95 -26.60 1.33
CA PRO A 49 -19.41 -26.33 -0.04
C PRO A 49 -20.54 -27.28 -0.44
N LYS A 50 -20.39 -28.55 -0.08
CA LYS A 50 -21.40 -29.56 -0.37
C LYS A 50 -22.79 -29.06 0.01
N SER A 51 -22.98 -28.82 1.30
CA SER A 51 -24.32 -28.52 1.82
C SER A 51 -24.50 -27.05 2.18
N THR A 52 -24.09 -26.17 1.27
CA THR A 52 -24.40 -24.75 1.44
C THR A 52 -25.08 -24.21 0.20
N PRO A 53 -26.28 -23.66 0.37
CA PRO A 53 -27.02 -23.06 -0.76
C PRO A 53 -26.19 -21.95 -1.39
N LYS A 54 -26.21 -21.89 -2.72
CA LYS A 54 -25.57 -20.81 -3.43
C LYS A 54 -26.18 -19.50 -2.93
N GLY A 55 -25.35 -18.50 -2.70
CA GLY A 55 -25.86 -17.20 -2.29
C GLY A 55 -25.99 -17.00 -0.79
N ALA A 56 -25.86 -18.06 0.00
CA ALA A 56 -26.02 -17.96 1.45
C ALA A 56 -24.93 -17.11 2.07
N CYS A 57 -23.71 -17.24 1.56
CA CYS A 57 -22.60 -16.43 2.06
C CYS A 57 -22.88 -14.95 1.77
N ALA A 58 -23.23 -14.65 0.52
CA ALA A 58 -23.48 -13.26 0.12
C ALA A 58 -24.57 -12.64 0.97
N THR A 59 -25.66 -13.39 1.15
CA THR A 59 -26.76 -12.91 1.96
C THR A 59 -26.32 -12.62 3.38
N SER A 60 -25.47 -13.50 3.92
CA SER A 60 -25.04 -13.38 5.29
C SER A 60 -24.14 -12.15 5.50
N VAL A 61 -23.22 -11.94 4.56
CA VAL A 61 -22.32 -10.80 4.66
C VAL A 61 -23.13 -9.52 4.61
N LYS A 62 -24.15 -9.48 3.77
CA LYS A 62 -25.01 -8.31 3.73
C LYS A 62 -25.73 -8.08 5.05
N VAL A 63 -26.34 -9.13 5.60
CA VAL A 63 -27.04 -9.02 6.88
C VAL A 63 -26.08 -8.56 7.97
N ALA A 64 -24.89 -9.17 8.00
CA ALA A 64 -23.86 -8.80 8.96
C ALA A 64 -23.51 -7.32 8.88
N ILE A 65 -23.31 -6.82 7.67
CA ILE A 65 -22.99 -5.40 7.50
C ILE A 65 -24.13 -4.51 8.00
N ASP A 66 -25.37 -4.86 7.62
CA ASP A 66 -26.55 -4.16 8.12
C ASP A 66 -26.61 -4.18 9.64
N THR A 67 -26.19 -5.30 10.21
CA THR A 67 -26.20 -5.48 11.66
C THR A 67 -25.17 -4.60 12.37
N GLY A 68 -24.04 -4.38 11.73
CA GLY A 68 -22.98 -3.58 12.31
C GLY A 68 -21.59 -4.18 12.19
N TYR A 69 -21.50 -5.41 11.69
CA TYR A 69 -20.18 -6.00 11.47
C TYR A 69 -19.44 -5.15 10.45
N ARG A 70 -18.14 -5.00 10.64
CA ARG A 70 -17.32 -4.24 9.71
C ARG A 70 -16.05 -5.03 9.39
N HIS A 71 -16.05 -6.28 9.79
CA HIS A 71 -14.94 -7.20 9.55
C HIS A 71 -15.51 -8.52 9.01
N ILE A 72 -14.96 -8.97 7.88
CA ILE A 72 -15.33 -10.25 7.29
C ILE A 72 -14.05 -11.07 7.13
N ASP A 73 -14.11 -12.33 7.54
CA ASP A 73 -12.96 -13.22 7.40
C ASP A 73 -13.27 -14.27 6.35
N GLY A 74 -12.39 -14.40 5.37
CA GLY A 74 -12.63 -15.30 4.27
C GLY A 74 -11.37 -15.98 3.78
N ALA A 75 -11.53 -16.76 2.72
CA ALA A 75 -10.39 -17.39 2.08
C ALA A 75 -10.84 -17.90 0.72
N TYR A 76 -9.98 -17.75 -0.29
CA TYR A 76 -10.31 -18.24 -1.61
C TYR A 76 -10.68 -19.73 -1.59
N ILE A 77 -10.05 -20.49 -0.71
CA ILE A 77 -10.28 -21.92 -0.76
C ILE A 77 -11.63 -22.31 -0.15
N TYR A 78 -12.34 -21.35 0.43
CA TYR A 78 -13.68 -21.62 0.96
C TYR A 78 -14.70 -21.63 -0.16
N GLN A 79 -14.26 -21.25 -1.36
CA GLN A 79 -15.03 -21.32 -2.60
C GLN A 79 -16.20 -20.34 -2.65
N ASN A 80 -16.18 -19.32 -1.80
CA ASN A 80 -17.26 -18.36 -1.80
C ASN A 80 -16.76 -16.93 -1.77
N GLU A 81 -15.47 -16.74 -2.04
CA GLU A 81 -14.91 -15.39 -1.98
C GLU A 81 -15.60 -14.44 -2.96
N HIS A 82 -16.13 -14.99 -4.05
CA HIS A 82 -16.88 -14.17 -5.00
C HIS A 82 -18.19 -13.66 -4.38
N GLU A 83 -18.83 -14.48 -3.55
CA GLU A 83 -20.02 -14.00 -2.84
C GLU A 83 -19.67 -12.94 -1.79
N VAL A 84 -18.56 -13.11 -1.10
CA VAL A 84 -18.10 -12.09 -0.15
C VAL A 84 -17.90 -10.74 -0.86
N GLY A 85 -17.12 -10.74 -1.93
CA GLY A 85 -16.93 -9.54 -2.72
C GLY A 85 -18.23 -8.92 -3.18
N GLU A 86 -19.14 -9.75 -3.68
CA GLU A 86 -20.42 -9.27 -4.17
C GLU A 86 -21.17 -8.51 -3.10
N ALA A 87 -21.18 -9.08 -1.89
CA ALA A 87 -21.91 -8.48 -0.77
C ALA A 87 -21.27 -7.17 -0.35
N ILE A 88 -19.95 -7.17 -0.22
CA ILE A 88 -19.23 -5.96 0.19
C ILE A 88 -19.45 -4.83 -0.81
N ARG A 89 -19.33 -5.16 -2.09
CA ARG A 89 -19.46 -4.14 -3.13
C ARG A 89 -20.87 -3.57 -3.19
N GLU A 90 -21.87 -4.41 -2.95
CA GLU A 90 -23.26 -3.95 -2.95
C GLU A 90 -23.48 -2.91 -1.85
N LYS A 91 -22.92 -3.19 -0.67
CA LYS A 91 -23.07 -2.30 0.46
C LYS A 91 -22.31 -1.02 0.26
N ILE A 92 -21.17 -1.09 -0.43
CA ILE A 92 -20.45 0.14 -0.74
C ILE A 92 -21.22 0.94 -1.79
N ALA A 93 -21.75 0.25 -2.79
CA ALA A 93 -22.46 0.93 -3.86
C ALA A 93 -23.70 1.65 -3.35
N GLU A 94 -24.40 1.07 -2.39
CA GLU A 94 -25.62 1.71 -1.90
C GLU A 94 -25.32 2.78 -0.86
N GLY A 95 -24.09 2.80 -0.36
CA GLY A 95 -23.66 3.84 0.55
C GLY A 95 -23.81 3.49 2.01
N LYS A 96 -23.92 2.20 2.33
CA LYS A 96 -23.97 1.76 3.73
C LYS A 96 -22.62 1.93 4.40
N VAL A 97 -21.56 1.67 3.65
CA VAL A 97 -20.19 1.81 4.11
C VAL A 97 -19.33 2.31 2.98
N ARG A 98 -18.22 2.94 3.30
CA ARG A 98 -17.17 3.18 2.32
C ARG A 98 -16.20 2.02 2.39
N ARG A 99 -15.40 1.85 1.34
CA ARG A 99 -14.41 0.77 1.33
C ARG A 99 -13.54 0.77 2.60
N GLU A 100 -13.08 1.95 3.03
CA GLU A 100 -12.21 2.02 4.20
C GLU A 100 -12.90 1.64 5.52
N ASP A 101 -14.23 1.47 5.49
CA ASP A 101 -14.99 1.10 6.69
C ASP A 101 -15.08 -0.40 6.87
N ILE A 102 -14.75 -1.13 5.81
CA ILE A 102 -14.83 -2.59 5.83
C ILE A 102 -13.42 -3.19 5.93
N PHE A 103 -13.30 -4.23 6.73
CA PHE A 103 -12.02 -4.88 6.93
C PHE A 103 -12.17 -6.32 6.44
N TYR A 104 -11.48 -6.67 5.34
CA TYR A 104 -11.53 -8.03 4.84
C TYR A 104 -10.19 -8.73 5.02
N CYS A 105 -10.24 -9.94 5.57
CA CYS A 105 -9.04 -10.76 5.74
C CYS A 105 -9.11 -11.97 4.83
N GLY A 106 -8.11 -12.13 3.96
CA GLY A 106 -7.99 -13.30 3.11
C GLY A 106 -6.77 -14.11 3.50
N LYS A 107 -6.60 -15.28 2.88
CA LYS A 107 -5.61 -16.25 3.33
C LYS A 107 -4.90 -16.95 2.18
N LEU A 108 -3.58 -17.07 2.33
CA LEU A 108 -2.75 -17.77 1.37
C LEU A 108 -2.66 -19.23 1.77
N TRP A 109 -3.19 -20.11 0.93
CA TRP A 109 -3.26 -21.53 1.26
C TRP A 109 -1.94 -22.28 1.05
N ALA A 110 -1.82 -23.43 1.71
CA ALA A 110 -0.63 -24.28 1.70
C ALA A 110 -0.03 -24.58 0.34
N THR A 111 -0.86 -24.64 -0.70
CA THR A 111 -0.40 -25.03 -2.02
C THR A 111 0.18 -23.85 -2.81
N ASN A 112 0.23 -22.69 -2.17
CA ASN A 112 0.64 -21.47 -2.84
C ASN A 112 1.77 -20.76 -2.07
N HIS A 113 2.60 -21.54 -1.38
CA HIS A 113 3.65 -20.99 -0.55
C HIS A 113 4.91 -20.61 -1.32
N VAL A 114 5.06 -21.18 -2.50
CA VAL A 114 6.21 -20.88 -3.36
C VAL A 114 6.22 -19.38 -3.60
N PRO A 115 7.34 -18.71 -3.24
CA PRO A 115 7.45 -17.24 -3.31
C PRO A 115 6.90 -16.66 -4.61
N GLU A 116 7.21 -17.28 -5.74
CA GLU A 116 6.77 -16.78 -7.03
C GLU A 116 5.25 -16.79 -7.20
N MET A 117 4.57 -17.56 -6.35
CA MET A 117 3.13 -17.74 -6.47
C MET A 117 2.37 -16.78 -5.56
N VAL A 118 3.03 -16.21 -4.57
CA VAL A 118 2.33 -15.47 -3.53
C VAL A 118 1.56 -14.30 -4.14
N ARG A 119 2.26 -13.44 -4.89
CA ARG A 119 1.58 -12.30 -5.50
C ARG A 119 0.48 -12.67 -6.50
N PRO A 120 0.74 -13.62 -7.40
CA PRO A 120 -0.36 -13.99 -8.30
C PRO A 120 -1.56 -14.55 -7.54
N THR A 121 -1.31 -15.19 -6.41
CA THR A 121 -2.37 -15.77 -5.59
C THR A 121 -3.22 -14.68 -4.91
N LEU A 122 -2.55 -13.66 -4.39
CA LEU A 122 -3.26 -12.51 -3.83
C LEU A 122 -4.02 -11.75 -4.91
N GLU A 123 -3.39 -11.59 -6.08
CA GLU A 123 -4.05 -10.93 -7.22
C GLU A 123 -5.32 -11.65 -7.67
N ARG A 124 -5.29 -12.98 -7.66
CA ARG A 124 -6.52 -13.76 -7.94
C ARG A 124 -7.64 -13.42 -6.93
N THR A 125 -7.31 -13.41 -5.66
CA THR A 125 -8.30 -13.06 -4.63
C THR A 125 -8.84 -11.63 -4.86
N LEU A 126 -7.95 -10.71 -5.18
CA LEU A 126 -8.40 -9.35 -5.46
C LEU A 126 -9.36 -9.33 -6.66
N ARG A 127 -9.05 -10.13 -7.68
CA ARG A 127 -9.89 -10.16 -8.86
C ARG A 127 -11.22 -10.83 -8.57
N VAL A 128 -11.20 -11.83 -7.70
CA VAL A 128 -12.43 -12.52 -7.32
C VAL A 128 -13.35 -11.62 -6.49
N LEU A 129 -12.77 -10.90 -5.54
CA LEU A 129 -13.49 -9.92 -4.73
C LEU A 129 -13.89 -8.72 -5.59
N GLN A 130 -13.14 -8.51 -6.66
CA GLN A 130 -13.21 -7.27 -7.43
C GLN A 130 -12.92 -6.04 -6.54
N LEU A 131 -11.90 -6.16 -5.71
CA LEU A 131 -11.43 -5.06 -4.87
C LEU A 131 -9.98 -4.73 -5.20
N ASP A 132 -9.53 -3.54 -4.79
CA ASP A 132 -8.18 -3.06 -5.08
C ASP A 132 -7.14 -3.56 -4.08
N TYR A 133 -7.58 -3.87 -2.87
CA TYR A 133 -6.67 -4.33 -1.83
C TYR A 133 -7.44 -5.14 -0.79
N VAL A 134 -6.72 -5.93 0.01
CA VAL A 134 -7.34 -6.56 1.16
C VAL A 134 -6.78 -5.92 2.39
N ASP A 135 -7.56 -5.86 3.46
CA ASP A 135 -7.06 -5.24 4.67
C ASP A 135 -5.99 -6.08 5.38
N LEU A 136 -6.18 -7.39 5.34
CA LEU A 136 -5.29 -8.32 6.00
C LEU A 136 -5.14 -9.56 5.12
N TYR A 137 -3.91 -9.98 4.89
CA TYR A 137 -3.66 -11.21 4.14
C TYR A 137 -2.73 -12.06 5.00
N ILE A 138 -3.12 -13.30 5.26
CA ILE A 138 -2.35 -14.11 6.19
C ILE A 138 -2.01 -15.48 5.60
N ILE A 139 -0.87 -16.02 6.01
CA ILE A 139 -0.50 -17.38 5.65
C ILE A 139 -1.41 -18.34 6.42
N HIS A 140 -2.20 -19.13 5.68
CA HIS A 140 -3.27 -19.95 6.26
C HIS A 140 -2.76 -21.01 7.24
N VAL A 141 -1.72 -21.73 6.83
CA VAL A 141 -1.08 -22.70 7.69
C VAL A 141 0.41 -22.70 7.37
N PRO A 142 1.25 -23.00 8.38
CA PRO A 142 2.71 -23.00 8.20
C PRO A 142 3.21 -24.12 7.30
N MET A 143 2.34 -25.03 6.88
CA MET A 143 2.75 -26.17 6.05
C MET A 143 2.53 -25.95 4.55
N ALA A 144 3.56 -26.22 3.75
CA ALA A 144 3.41 -26.17 2.30
C ALA A 144 3.04 -27.52 1.73
N PHE A 145 2.05 -27.54 0.84
CA PHE A 145 1.69 -28.75 0.11
C PHE A 145 2.15 -28.65 -1.33
N LYS A 146 2.05 -29.75 -2.07
CA LYS A 146 2.36 -29.74 -3.48
C LYS A 146 1.51 -28.70 -4.21
N PRO A 147 2.18 -27.75 -4.90
CA PRO A 147 1.49 -26.76 -5.72
C PRO A 147 0.70 -27.44 -6.83
N GLY A 148 -0.47 -26.90 -7.17
CA GLY A 148 -1.29 -27.49 -8.21
C GLY A 148 -2.77 -27.18 -8.04
N ASP A 149 -3.57 -27.60 -9.01
CA ASP A 149 -5.01 -27.32 -9.00
C ASP A 149 -5.73 -28.07 -7.90
N GLU A 150 -4.97 -28.60 -6.94
CA GLU A 150 -5.58 -29.33 -5.85
C GLU A 150 -5.33 -28.67 -4.50
N ILE A 151 -6.41 -28.40 -3.78
CA ILE A 151 -6.32 -27.80 -2.45
C ILE A 151 -5.67 -28.74 -1.44
N TYR A 152 -6.13 -29.99 -1.42
CA TYR A 152 -5.58 -30.99 -0.51
C TYR A 152 -5.02 -32.17 -1.30
N PRO A 153 -3.74 -32.10 -1.67
CA PRO A 153 -3.11 -33.14 -2.50
C PRO A 153 -2.50 -34.30 -1.69
N ARG A 154 -3.15 -35.46 -1.72
CA ARG A 154 -2.50 -36.69 -1.28
C ARG A 154 -2.49 -37.66 -2.45
N ASP A 155 -1.58 -38.63 -2.41
CA ASP A 155 -1.49 -39.59 -3.50
C ASP A 155 -2.56 -40.65 -3.41
N GLU A 156 -2.55 -41.57 -4.36
CA GLU A 156 -3.50 -42.68 -4.41
C GLU A 156 -3.57 -43.41 -3.07
N ASN A 157 -2.42 -43.62 -2.44
CA ASN A 157 -2.37 -44.30 -1.16
C ASN A 157 -2.85 -43.41 -0.02
N GLY A 158 -3.07 -42.13 -0.33
CA GLY A 158 -3.58 -41.18 0.64
C GLY A 158 -2.49 -40.47 1.43
N LYS A 159 -1.26 -40.50 0.91
CA LYS A 159 -0.16 -39.80 1.55
C LYS A 159 -0.19 -38.32 1.20
N TRP A 160 -0.32 -37.47 2.22
CA TRP A 160 -0.33 -36.03 2.02
C TRP A 160 0.97 -35.53 1.41
N LEU A 161 0.91 -35.19 0.12
CA LEU A 161 2.07 -34.68 -0.62
C LEU A 161 2.59 -33.37 -0.02
N TYR A 162 3.55 -33.49 0.90
CA TYR A 162 4.12 -32.33 1.56
C TYR A 162 5.22 -31.67 0.72
N HIS A 163 5.06 -30.37 0.48
CA HIS A 163 6.09 -29.60 -0.17
C HIS A 163 7.01 -29.03 0.89
N LYS A 164 8.27 -28.77 0.52
CA LYS A 164 9.24 -28.20 1.45
CA LYS A 164 9.24 -28.21 1.45
C LYS A 164 8.91 -26.76 1.76
N SER A 165 8.69 -26.46 3.04
CA SER A 165 8.32 -25.13 3.50
C SER A 165 9.54 -24.24 3.70
N ASN A 166 9.45 -23.01 3.20
CA ASN A 166 10.45 -21.99 3.52
C ASN A 166 9.77 -20.69 3.94
N LEU A 167 9.37 -20.64 5.20
CA LEU A 167 8.51 -19.56 5.68
C LEU A 167 9.11 -18.17 5.48
N CYS A 168 10.41 -18.03 5.69
CA CYS A 168 11.07 -16.72 5.53
C CYS A 168 10.93 -16.20 4.10
N ALA A 169 11.15 -17.07 3.12
CA ALA A 169 11.06 -16.67 1.73
C ALA A 169 9.62 -16.41 1.33
N THR A 170 8.70 -17.19 1.91
CA THR A 170 7.28 -16.99 1.64
C THR A 170 6.84 -15.65 2.19
N TRP A 171 7.35 -15.33 3.38
CA TRP A 171 7.03 -14.05 4.03
C TRP A 171 7.57 -12.86 3.24
N GLU A 172 8.74 -13.04 2.62
CA GLU A 172 9.33 -11.96 1.84
C GLU A 172 8.45 -11.61 0.65
N ALA A 173 7.88 -12.64 0.03
CA ALA A 173 6.93 -12.43 -1.05
C ALA A 173 5.68 -11.71 -0.52
N MET A 174 5.30 -12.01 0.74
CA MET A 174 4.15 -11.33 1.34
C MET A 174 4.47 -9.85 1.52
N GLU A 175 5.64 -9.56 2.08
CA GLU A 175 6.08 -8.19 2.24
C GLU A 175 6.04 -7.39 0.94
N ALA A 176 6.43 -8.00 -0.17
CA ALA A 176 6.40 -7.29 -1.44
C ALA A 176 4.97 -6.93 -1.85
N CYS A 177 4.01 -7.74 -1.42
CA CYS A 177 2.62 -7.45 -1.70
C CYS A 177 2.16 -6.20 -0.96
N LYS A 178 2.59 -6.02 0.28
CA LYS A 178 2.23 -4.80 1.00
C LYS A 178 2.97 -3.61 0.39
N ASP A 179 4.22 -3.82 0.00
CA ASP A 179 5.00 -2.74 -0.63
C ASP A 179 4.29 -2.24 -1.90
N ALA A 180 3.66 -3.17 -2.62
CA ALA A 180 2.93 -2.86 -3.84
C ALA A 180 1.57 -2.21 -3.59
N GLY A 181 1.12 -2.22 -2.33
CA GLY A 181 -0.16 -1.62 -1.98
C GLY A 181 -1.36 -2.53 -2.14
N LEU A 182 -1.12 -3.81 -2.36
CA LEU A 182 -2.21 -4.77 -2.58
C LEU A 182 -2.89 -5.21 -1.28
N VAL A 183 -2.29 -4.87 -0.14
CA VAL A 183 -2.75 -5.32 1.17
C VAL A 183 -2.21 -4.37 2.24
N LYS A 184 -3.06 -4.03 3.21
CA LYS A 184 -2.66 -3.08 4.26
C LYS A 184 -1.84 -3.73 5.37
N SER A 185 -2.21 -4.93 5.78
CA SER A 185 -1.55 -5.60 6.89
C SER A 185 -1.26 -7.06 6.58
N LEU A 186 -0.17 -7.57 7.15
CA LEU A 186 0.22 -8.95 6.94
C LEU A 186 0.21 -9.72 8.25
N GLY A 187 -0.21 -10.99 8.19
CA GLY A 187 -0.21 -11.83 9.37
C GLY A 187 -0.07 -13.30 9.04
N VAL A 188 -0.26 -14.14 10.06
CA VAL A 188 -0.17 -15.57 9.84
C VAL A 188 -1.30 -16.26 10.57
N SER A 189 -1.39 -17.55 10.38
CA SER A 189 -2.45 -18.34 11.02
C SER A 189 -1.91 -19.72 11.39
N ASN A 190 -2.25 -20.20 12.58
CA ASN A 190 -1.80 -21.53 13.02
C ASN A 190 -0.28 -21.60 13.15
N PHE A 191 0.35 -20.50 13.54
CA PHE A 191 1.78 -20.48 13.78
C PHE A 191 2.08 -20.64 15.26
N ASN A 192 3.01 -21.53 15.60
CA ASN A 192 3.48 -21.61 16.98
C ASN A 192 4.58 -20.59 17.28
N ARG A 193 5.01 -20.52 18.54
CA ARG A 193 6.04 -19.59 18.97
CA ARG A 193 6.04 -19.59 18.97
C ARG A 193 7.28 -19.67 18.09
N ARG A 194 7.74 -20.89 17.82
CA ARG A 194 8.94 -21.10 17.03
C ARG A 194 8.78 -20.56 15.62
N GLN A 195 7.59 -20.71 15.07
CA GLN A 195 7.34 -20.27 13.70
C GLN A 195 7.20 -18.75 13.62
N LEU A 196 6.65 -18.16 14.67
CA LEU A 196 6.56 -16.71 14.74
C LEU A 196 7.93 -16.08 14.96
N GLU A 197 8.78 -16.79 15.70
CA GLU A 197 10.13 -16.27 15.95
C GLU A 197 10.98 -16.36 14.69
N LEU A 198 10.73 -17.36 13.87
CA LEU A 198 11.36 -17.46 12.56
C LEU A 198 11.20 -16.13 11.84
N ILE A 199 9.95 -15.69 11.70
CA ILE A 199 9.66 -14.41 11.07
C ILE A 199 10.14 -13.21 11.88
N LEU A 200 9.90 -13.21 13.19
CA LEU A 200 10.26 -12.04 13.99
C LEU A 200 11.75 -11.77 14.03
N ASN A 201 12.56 -12.84 14.01
CA ASN A 201 14.01 -12.71 14.11
C ASN A 201 14.65 -12.48 12.75
N LYS A 202 13.85 -12.71 11.70
CA LYS A 202 14.30 -12.65 10.31
C LYS A 202 15.26 -11.48 10.02
N PRO A 203 16.37 -11.79 9.33
CA PRO A 203 17.32 -10.78 8.88
C PRO A 203 16.69 -9.88 7.81
N GLY A 204 16.56 -8.59 8.12
CA GLY A 204 16.05 -7.63 7.16
C GLY A 204 14.53 -7.59 7.12
N LEU A 205 13.92 -7.96 8.24
CA LEU A 205 12.46 -7.96 8.35
C LEU A 205 11.89 -6.57 8.08
N LYS A 206 11.02 -6.46 7.09
CA LYS A 206 10.41 -5.19 6.72
C LYS A 206 9.07 -5.00 7.42
N HIS A 207 8.22 -6.02 7.35
CA HIS A 207 6.90 -5.97 7.97
C HIS A 207 6.69 -7.15 8.91
N LYS A 208 6.61 -6.88 10.20
CA LYS A 208 6.30 -7.97 11.12
C LYS A 208 4.82 -8.33 11.06
N PRO A 209 4.49 -9.58 11.41
CA PRO A 209 3.09 -10.01 11.48
C PRO A 209 2.35 -9.15 12.50
N VAL A 210 1.13 -8.76 12.17
CA VAL A 210 0.33 -7.95 13.09
C VAL A 210 -0.72 -8.83 13.74
N SER A 211 -0.83 -10.05 13.23
CA SER A 211 -1.94 -10.94 13.55
C SER A 211 -1.54 -12.41 13.47
N ASN A 212 -2.00 -13.19 14.43
CA ASN A 212 -1.90 -14.63 14.36
C ASN A 212 -3.31 -15.19 14.58
N GLN A 213 -3.83 -15.88 13.58
CA GLN A 213 -5.20 -16.41 13.68
C GLN A 213 -5.17 -17.86 14.11
N VAL A 214 -5.65 -18.14 15.33
CA VAL A 214 -5.62 -19.48 15.86
C VAL A 214 -6.92 -19.86 16.58
N GLU A 215 -7.14 -21.17 16.75
CA GLU A 215 -8.28 -21.64 17.54
C GLU A 215 -8.21 -21.00 18.91
N CYS A 216 -9.30 -20.39 19.35
CA CYS A 216 -9.34 -19.79 20.67
C CYS A 216 -10.74 -19.61 21.22
N HIS A 217 -10.94 -20.03 22.47
CA HIS A 217 -12.23 -19.96 23.16
C HIS A 217 -12.02 -20.42 24.61
N PRO A 218 -13.10 -20.49 25.41
CA PRO A 218 -12.84 -20.73 26.84
C PRO A 218 -12.27 -22.13 27.16
N TYR A 219 -12.44 -23.10 26.28
CA TYR A 219 -11.81 -24.40 26.46
C TYR A 219 -10.36 -24.39 25.99
N PHE A 220 -9.91 -23.24 25.49
CA PHE A 220 -8.55 -23.11 24.99
C PHE A 220 -8.19 -21.63 24.91
N THR A 221 -7.92 -21.04 26.07
CA THR A 221 -7.70 -19.61 26.16
C THR A 221 -6.35 -19.17 25.60
N GLN A 222 -5.60 -20.13 25.06
CA GLN A 222 -4.28 -19.85 24.48
C GLN A 222 -3.44 -18.92 25.37
N PRO A 223 -3.21 -19.30 26.64
CA PRO A 223 -2.59 -18.34 27.57
C PRO A 223 -1.13 -18.01 27.22
N LYS A 224 -0.34 -19.02 26.85
CA LYS A 224 1.07 -18.80 26.55
C LYS A 224 1.27 -18.08 25.22
N LEU A 225 0.64 -18.60 24.17
CA LEU A 225 0.72 -17.98 22.85
C LEU A 225 0.27 -16.53 22.91
N LEU A 226 -0.75 -16.25 23.71
CA LEU A 226 -1.29 -14.89 23.85
C LEU A 226 -0.32 -13.94 24.54
N LYS A 227 0.31 -14.39 25.62
CA LYS A 227 1.34 -13.60 26.28
C LYS A 227 2.49 -13.35 25.32
N PHE A 228 2.90 -14.40 24.60
CA PHE A 228 4.00 -14.26 23.66
C PHE A 228 3.63 -13.29 22.54
N CYS A 229 2.50 -13.52 21.88
CA CYS A 229 2.04 -12.59 20.86
C CYS A 229 1.94 -11.19 21.43
N GLN A 230 1.42 -11.05 22.64
CA GLN A 230 1.29 -9.73 23.24
C GLN A 230 2.62 -9.01 23.44
N GLN A 231 3.70 -9.76 23.64
CA GLN A 231 5.00 -9.13 23.84
C GLN A 231 5.52 -8.48 22.57
N HIS A 232 5.10 -9.02 21.43
CA HIS A 232 5.54 -8.53 20.14
C HIS A 232 4.49 -7.67 19.45
N ASP A 233 3.45 -7.30 20.19
CA ASP A 233 2.39 -6.49 19.63
C ASP A 233 1.65 -7.19 18.48
N ILE A 234 1.50 -8.51 18.59
CA ILE A 234 0.72 -9.29 17.64
C ILE A 234 -0.65 -9.49 18.24
N VAL A 235 -1.69 -9.32 17.43
CA VAL A 235 -3.05 -9.53 17.91
C VAL A 235 -3.51 -10.92 17.55
N ILE A 236 -4.12 -11.60 18.51
CA ILE A 236 -4.68 -12.91 18.26
C ILE A 236 -6.10 -12.78 17.71
N THR A 237 -6.35 -13.47 16.61
CA THR A 237 -7.72 -13.60 16.11
C THR A 237 -8.19 -15.00 16.42
N ALA A 238 -9.30 -15.08 17.13
CA ALA A 238 -9.86 -16.36 17.53
C ALA A 238 -10.70 -16.98 16.43
N TYR A 239 -10.16 -17.97 15.75
CA TYR A 239 -11.01 -18.72 14.84
C TYR A 239 -11.75 -19.81 15.60
N SER A 240 -12.83 -20.31 15.01
CA SER A 240 -13.73 -21.21 15.71
C SER A 240 -14.04 -20.75 17.13
N PRO A 241 -14.38 -19.46 17.29
CA PRO A 241 -14.55 -18.87 18.61
C PRO A 241 -15.78 -19.42 19.36
N LEU A 242 -16.65 -20.13 18.67
CA LEU A 242 -17.82 -20.73 19.32
C LEU A 242 -17.68 -22.25 19.34
N GLY A 243 -16.48 -22.74 19.04
CA GLY A 243 -16.18 -24.17 19.16
C GLY A 243 -16.43 -25.02 17.93
N THR A 244 -16.53 -24.37 16.77
CA THR A 244 -16.73 -25.04 15.49
C THR A 244 -18.12 -25.61 15.31
N SER A 245 -18.43 -25.99 14.06
CA SER A 245 -19.70 -26.61 13.74
C SER A 245 -19.64 -28.10 14.06
N ARG A 246 -18.50 -28.53 14.60
CA ARG A 246 -18.32 -29.91 15.06
C ARG A 246 -18.49 -30.98 13.98
N ASN A 247 -18.08 -30.67 12.75
CA ASN A 247 -18.09 -31.68 11.70
C ASN A 247 -17.01 -32.71 11.98
N PRO A 248 -17.41 -33.98 12.15
CA PRO A 248 -16.50 -35.05 12.55
C PRO A 248 -15.42 -35.34 11.52
N ILE A 249 -15.75 -35.21 10.23
CA ILE A 249 -14.78 -35.51 9.17
C ILE A 249 -13.54 -34.62 9.27
N TRP A 250 -13.59 -33.57 10.11
CA TRP A 250 -12.39 -32.80 10.42
C TRP A 250 -12.26 -32.28 11.85
N VAL A 251 -13.35 -32.25 12.61
CA VAL A 251 -13.26 -31.76 13.99
C VAL A 251 -13.20 -32.89 15.00
N ASN A 252 -12.47 -32.65 16.07
CA ASN A 252 -12.34 -33.62 17.15
C ASN A 252 -13.57 -33.63 18.07
N VAL A 253 -14.53 -34.50 17.76
CA VAL A 253 -15.81 -34.52 18.47
C VAL A 253 -15.78 -35.27 19.79
N SER A 254 -14.58 -35.44 20.36
CA SER A 254 -14.46 -36.11 21.64
C SER A 254 -14.98 -35.19 22.72
N SER A 255 -14.50 -33.95 22.71
CA SER A 255 -14.93 -32.94 23.68
C SER A 255 -16.43 -32.69 23.60
N PRO A 256 -17.05 -32.36 24.74
CA PRO A 256 -18.46 -31.95 24.76
C PRO A 256 -18.61 -30.56 24.12
N PRO A 257 -19.72 -30.34 23.40
CA PRO A 257 -19.97 -29.08 22.68
C PRO A 257 -19.83 -27.86 23.58
N LEU A 258 -19.02 -26.90 23.13
CA LEU A 258 -18.65 -25.74 23.94
C LEU A 258 -19.84 -24.95 24.47
N LEU A 259 -20.90 -24.84 23.66
CA LEU A 259 -22.03 -23.99 24.02
C LEU A 259 -22.96 -24.66 25.04
N LYS A 260 -22.55 -25.82 25.53
CA LYS A 260 -23.32 -26.54 26.56
C LYS A 260 -22.72 -26.37 27.95
N ASP A 261 -21.51 -25.82 28.01
CA ASP A 261 -20.86 -25.63 29.30
C ASP A 261 -21.85 -25.03 30.32
N ALA A 262 -21.85 -25.58 31.51
CA ALA A 262 -22.79 -25.15 32.53
C ALA A 262 -22.47 -23.74 33.03
N LEU A 263 -21.17 -23.44 33.18
CA LEU A 263 -20.78 -22.12 33.62
C LEU A 263 -21.23 -21.06 32.60
N LEU A 264 -20.89 -21.29 31.34
CA LEU A 264 -21.21 -20.35 30.28
C LEU A 264 -22.72 -20.13 30.17
N ASN A 265 -23.49 -21.21 30.30
CA ASN A 265 -24.94 -21.11 30.28
C ASN A 265 -25.47 -20.43 31.54
N SER A 266 -24.78 -20.64 32.65
CA SER A 266 -25.15 -20.04 33.93
C SER A 266 -24.92 -18.54 33.88
N LEU A 267 -23.78 -18.14 33.35
CA LEU A 267 -23.47 -16.72 33.22
C LEU A 267 -24.44 -16.10 32.22
N GLY A 268 -24.78 -16.88 31.20
CA GLY A 268 -25.79 -16.47 30.24
C GLY A 268 -27.08 -16.06 30.93
N LYS A 269 -27.52 -16.87 31.88
CA LYS A 269 -28.78 -16.57 32.57
C LYS A 269 -28.65 -15.28 33.34
N ARG A 270 -27.54 -15.14 34.06
CA ARG A 270 -27.29 -13.93 34.83
C ARG A 270 -27.44 -12.64 34.00
N TYR A 271 -26.97 -12.68 32.77
CA TYR A 271 -26.97 -11.48 31.92
C TYR A 271 -28.11 -11.47 30.89
N ASN A 272 -28.94 -12.51 30.88
CA ASN A 272 -29.95 -12.73 29.83
C ASN A 272 -29.30 -12.77 28.47
N LYS A 273 -28.23 -13.56 28.37
CA LYS A 273 -27.45 -13.70 27.16
C LYS A 273 -27.25 -15.18 26.91
N THR A 274 -27.03 -15.57 25.66
CA THR A 274 -26.78 -16.97 25.34
C THR A 274 -25.34 -17.36 25.67
N ALA A 275 -25.08 -18.66 25.68
CA ALA A 275 -23.72 -19.15 25.94
C ALA A 275 -22.76 -18.61 24.89
N ALA A 276 -23.24 -18.51 23.66
CA ALA A 276 -22.41 -17.98 22.57
C ALA A 276 -22.01 -16.53 22.84
N GLN A 277 -22.94 -15.72 23.32
CA GLN A 277 -22.65 -14.31 23.56
C GLN A 277 -21.69 -14.14 24.74
N ILE A 278 -21.79 -15.04 25.70
CA ILE A 278 -20.85 -15.03 26.82
C ILE A 278 -19.45 -15.36 26.31
N VAL A 279 -19.37 -16.43 25.52
CA VAL A 279 -18.12 -16.86 24.90
C VAL A 279 -17.45 -15.72 24.11
N LEU A 280 -18.21 -15.07 23.23
CA LEU A 280 -17.65 -13.98 22.43
C LEU A 280 -17.20 -12.80 23.28
N ARG A 281 -17.99 -12.45 24.29
CA ARG A 281 -17.65 -11.33 25.16
C ARG A 281 -16.35 -11.60 25.90
N PHE A 282 -16.18 -12.83 26.36
CA PHE A 282 -14.97 -13.20 27.09
C PHE A 282 -13.72 -12.87 26.26
N ASN A 283 -13.70 -13.32 25.01
CA ASN A 283 -12.52 -13.11 24.18
C ASN A 283 -12.28 -11.65 23.79
N ILE A 284 -13.34 -10.92 23.47
CA ILE A 284 -13.14 -9.53 23.11
C ILE A 284 -12.77 -8.67 24.32
N GLN A 285 -13.28 -9.04 25.50
CA GLN A 285 -13.00 -8.24 26.70
C GLN A 285 -11.53 -8.25 27.02
N ARG A 286 -10.84 -9.29 26.58
CA ARG A 286 -9.40 -9.39 26.79
C ARG A 286 -8.57 -9.09 25.53
N GLY A 287 -9.15 -8.36 24.58
CA GLY A 287 -8.44 -7.93 23.40
C GLY A 287 -8.18 -8.96 22.33
N VAL A 288 -8.93 -10.06 22.35
CA VAL A 288 -8.84 -11.06 21.30
C VAL A 288 -9.96 -10.85 20.28
N VAL A 289 -9.59 -10.82 19.01
CA VAL A 289 -10.57 -10.66 17.92
C VAL A 289 -11.32 -11.97 17.71
N VAL A 290 -12.64 -11.89 17.53
CA VAL A 290 -13.39 -13.12 17.31
C VAL A 290 -14.10 -13.07 15.94
N ILE A 291 -14.12 -14.20 15.24
CA ILE A 291 -14.74 -14.24 13.92
C ILE A 291 -15.78 -15.34 13.81
N PRO A 292 -16.79 -15.31 14.69
CA PRO A 292 -17.83 -16.34 14.64
C PRO A 292 -18.49 -16.39 13.28
N LYS A 293 -18.74 -17.60 12.79
CA LYS A 293 -19.44 -17.80 11.55
C LYS A 293 -20.89 -18.13 11.82
N SER A 294 -21.80 -17.41 11.18
CA SER A 294 -23.19 -17.82 11.12
C SER A 294 -23.79 -17.41 9.77
N PHE A 295 -24.51 -18.31 9.13
CA PHE A 295 -25.26 -17.98 7.93
C PHE A 295 -26.75 -17.93 8.25
N ASN A 296 -27.05 -17.80 9.54
CA ASN A 296 -28.43 -17.70 10.01
C ASN A 296 -28.74 -16.28 10.50
N LEU A 297 -29.83 -15.72 10.00
CA LEU A 297 -30.22 -14.33 10.27
C LEU A 297 -30.26 -13.95 11.75
N GLU A 298 -30.90 -14.77 12.58
CA GLU A 298 -31.03 -14.45 13.99
C GLU A 298 -29.68 -14.57 14.70
N ARG A 299 -28.91 -15.59 14.33
CA ARG A 299 -27.64 -15.85 15.02
C ARG A 299 -26.55 -14.87 14.60
N ILE A 300 -26.61 -14.41 13.36
CA ILE A 300 -25.73 -13.31 12.92
C ILE A 300 -25.92 -12.10 13.84
N LYS A 301 -27.19 -11.76 14.10
CA LYS A 301 -27.51 -10.64 15.00
C LYS A 301 -27.14 -10.96 16.44
N GLU A 302 -27.50 -12.17 16.89
CA GLU A 302 -27.21 -12.59 18.25
C GLU A 302 -25.71 -12.40 18.58
N ASN A 303 -24.85 -12.92 17.71
CA ASN A 303 -23.39 -12.83 17.94
C ASN A 303 -22.82 -11.41 18.03
N PHE A 304 -23.50 -10.43 17.44
CA PHE A 304 -23.01 -9.06 17.47
C PHE A 304 -23.41 -8.32 18.76
N GLN A 305 -24.46 -8.80 19.43
CA GLN A 305 -24.94 -8.12 20.63
C GLN A 305 -24.07 -8.40 21.85
N ILE A 306 -22.83 -7.90 21.84
CA ILE A 306 -21.90 -8.22 22.89
C ILE A 306 -21.21 -6.99 23.44
N PHE A 307 -21.82 -5.84 23.23
CA PHE A 307 -21.25 -4.56 23.65
C PHE A 307 -22.06 -3.87 24.75
N ASP A 308 -23.19 -4.46 25.10
CA ASP A 308 -24.12 -3.86 26.06
C ASP A 308 -23.96 -4.46 27.45
N PHE A 309 -23.01 -5.37 27.60
CA PHE A 309 -22.65 -5.87 28.92
C PHE A 309 -21.15 -6.06 29.05
N SER A 310 -20.70 -6.50 30.21
CA SER A 310 -19.32 -6.89 30.39
C SER A 310 -19.25 -7.93 31.50
N LEU A 311 -18.18 -8.72 31.50
CA LEU A 311 -18.01 -9.73 32.51
C LEU A 311 -17.16 -9.18 33.66
N THR A 312 -17.46 -9.60 34.88
CA THR A 312 -16.68 -9.16 36.03
C THR A 312 -15.35 -9.91 36.06
N GLU A 313 -14.36 -9.31 36.69
CA GLU A 313 -13.05 -9.94 36.80
C GLU A 313 -13.20 -11.33 37.39
N GLU A 314 -14.14 -11.47 38.31
CA GLU A 314 -14.48 -12.79 38.85
C GLU A 314 -14.90 -13.72 37.73
N GLU A 315 -15.80 -13.25 36.88
CA GLU A 315 -16.33 -14.07 35.80
C GLU A 315 -15.27 -14.39 34.76
N MET A 316 -14.49 -13.38 34.39
CA MET A 316 -13.43 -13.56 33.40
C MET A 316 -12.46 -14.65 33.85
N LYS A 317 -12.05 -14.59 35.12
CA LYS A 317 -11.15 -15.58 35.69
C LYS A 317 -11.81 -16.95 35.67
N ASP A 318 -13.07 -17.01 36.05
CA ASP A 318 -13.80 -18.27 36.06
C ASP A 318 -13.92 -18.90 34.68
N ILE A 319 -14.16 -18.09 33.65
CA ILE A 319 -14.25 -18.60 32.29
C ILE A 319 -12.89 -19.09 31.80
N GLU A 320 -11.87 -18.27 32.03
CA GLU A 320 -10.49 -18.65 31.73
CA GLU A 320 -10.50 -18.66 31.73
C GLU A 320 -10.22 -20.04 32.29
N ALA A 321 -10.61 -20.24 33.55
CA ALA A 321 -10.43 -21.52 34.24
C ALA A 321 -11.08 -22.71 33.54
N LEU A 322 -11.95 -22.45 32.58
CA LEU A 322 -12.56 -23.51 31.80
C LEU A 322 -11.53 -24.06 30.83
N ASN A 323 -10.45 -23.31 30.68
CA ASN A 323 -9.36 -23.67 29.77
C ASN A 323 -8.95 -25.13 29.93
N LYS A 324 -9.30 -25.96 28.95
CA LYS A 324 -8.92 -27.37 28.95
C LYS A 324 -7.46 -27.55 28.54
N ASN A 325 -6.97 -26.65 27.68
CA ASN A 325 -5.72 -26.90 26.95
C ASN A 325 -5.87 -28.13 26.04
N VAL A 326 -7.06 -28.28 25.45
CA VAL A 326 -7.33 -29.28 24.42
C VAL A 326 -7.93 -28.56 23.20
N ARG A 327 -7.71 -29.11 22.00
CA ARG A 327 -8.14 -28.45 20.76
C ARG A 327 -9.27 -29.16 20.03
N PHE A 328 -10.23 -28.39 19.51
CA PHE A 328 -11.26 -28.94 18.64
C PHE A 328 -10.68 -29.16 17.25
N VAL A 329 -9.68 -28.37 16.89
CA VAL A 329 -9.04 -28.50 15.60
C VAL A 329 -7.56 -28.82 15.82
N GLU A 330 -7.23 -30.10 15.77
CA GLU A 330 -5.88 -30.54 16.06
C GLU A 330 -5.14 -30.89 14.76
N LEU A 331 -5.91 -31.09 13.70
CA LEU A 331 -5.34 -31.38 12.38
C LEU A 331 -4.32 -32.51 12.47
N LEU A 332 -4.77 -33.63 13.03
CA LEU A 332 -3.91 -34.78 13.28
C LEU A 332 -3.42 -35.42 11.98
N MET A 333 -4.22 -35.30 10.93
CA MET A 333 -3.87 -35.86 9.62
C MET A 333 -2.63 -35.24 9.00
N TRP A 334 -2.08 -34.22 9.65
CA TRP A 334 -0.93 -33.51 9.10
C TRP A 334 0.19 -33.44 10.14
N ARG A 335 0.01 -34.17 11.22
CA ARG A 335 0.95 -34.13 12.35
C ARG A 335 2.38 -34.50 11.93
N ASP A 336 2.51 -35.13 10.77
CA ASP A 336 3.82 -35.55 10.27
C ASP A 336 4.35 -34.61 9.20
N HIS A 337 4.12 -33.31 9.40
CA HIS A 337 4.71 -32.29 8.54
C HIS A 337 5.73 -31.56 9.37
N PRO A 338 6.90 -31.29 8.77
CA PRO A 338 7.96 -30.62 9.52
C PRO A 338 7.43 -29.40 10.27
N GLU A 339 6.42 -28.74 9.71
CA GLU A 339 5.97 -27.47 10.26
C GLU A 339 4.69 -27.56 11.11
N TYR A 340 4.15 -28.76 11.26
CA TYR A 340 3.02 -28.97 12.17
C TYR A 340 3.23 -28.15 13.43
N PRO A 341 2.28 -27.23 13.70
CA PRO A 341 2.49 -26.22 14.75
C PRO A 341 2.13 -26.67 16.16
N PHE A 342 1.41 -27.78 16.30
CA PHE A 342 0.76 -28.07 17.56
C PHE A 342 1.54 -28.98 18.54
N HIS A 343 2.77 -29.33 18.18
CA HIS A 343 3.58 -30.16 19.08
C HIS A 343 4.13 -29.35 20.25
N ASP A 344 4.71 -28.20 19.95
CA ASP A 344 5.27 -27.36 21.00
C ASP A 344 4.21 -27.00 22.04
N GLU A 345 4.64 -26.80 23.27
CA GLU A 345 3.74 -26.31 24.33
C GLU A 345 2.82 -25.26 23.75
N TYR A 346 3.44 -24.27 23.12
CA TYR A 346 2.72 -23.24 22.39
C TYR A 346 3.62 -22.75 21.26
N ASP B 22 18.20 35.06 -1.57
CA ASP B 22 17.21 34.79 -0.52
C ASP B 22 17.02 33.29 -0.28
N LEU B 23 17.72 32.48 -1.07
CA LEU B 23 17.68 31.02 -0.89
C LEU B 23 18.85 30.55 -0.06
N SER B 24 18.59 29.75 0.96
CA SER B 24 19.68 29.19 1.77
C SER B 24 19.46 27.70 1.96
N ALA B 25 20.49 27.01 2.43
CA ALA B 25 20.38 25.59 2.70
C ALA B 25 19.25 25.30 3.70
N ALA B 26 19.08 26.16 4.70
CA ALA B 26 18.07 25.94 5.72
C ALA B 26 16.66 26.35 5.29
N SER B 27 16.58 27.30 4.36
CA SER B 27 15.30 27.85 3.94
C SER B 27 15.30 28.17 2.43
N HIS B 28 14.74 27.26 1.65
CA HIS B 28 14.71 27.43 0.20
C HIS B 28 13.37 27.04 -0.42
N ARG B 29 12.29 27.28 0.30
CA ARG B 29 10.95 27.02 -0.26
C ARG B 29 10.47 28.24 -1.02
N ILE B 30 9.80 28.01 -2.14
CA ILE B 30 9.23 29.09 -2.94
C ILE B 30 7.73 28.92 -3.05
N PRO B 31 7.02 30.03 -3.26
CA PRO B 31 5.56 30.04 -3.24
C PRO B 31 4.89 29.30 -4.40
N LEU B 32 3.87 28.52 -4.05
CA LEU B 32 2.92 28.01 -5.03
C LEU B 32 1.66 28.86 -4.98
N SER B 33 0.93 28.91 -6.08
CA SER B 33 -0.19 29.84 -6.21
C SER B 33 -1.38 29.51 -5.32
N ASP B 34 -1.39 28.32 -4.72
CA ASP B 34 -2.48 27.93 -3.82
C ASP B 34 -2.14 28.22 -2.35
N GLY B 35 -1.01 28.89 -2.12
CA GLY B 35 -0.62 29.28 -0.77
C GLY B 35 0.34 28.32 -0.09
N ASN B 36 0.57 27.19 -0.72
CA ASN B 36 1.57 26.26 -0.22
C ASN B 36 2.93 26.69 -0.76
N SER B 37 3.97 25.94 -0.41
CA SER B 37 5.30 26.24 -0.90
C SER B 37 6.04 24.96 -1.27
N ILE B 38 7.08 25.10 -2.08
CA ILE B 38 7.85 23.94 -2.52
C ILE B 38 9.36 24.17 -2.35
N PRO B 39 10.07 23.22 -1.74
CA PRO B 39 11.53 23.35 -1.65
C PRO B 39 12.10 23.36 -3.06
N ILE B 40 12.95 24.33 -3.35
CA ILE B 40 13.40 24.56 -4.73
C ILE B 40 14.37 23.50 -5.23
N ILE B 41 14.87 22.65 -4.34
CA ILE B 41 15.57 21.46 -4.79
C ILE B 41 14.96 20.23 -4.15
N GLY B 42 14.84 19.16 -4.93
CA GLY B 42 14.37 17.88 -4.44
C GLY B 42 15.24 16.73 -4.95
N LEU B 43 15.10 15.57 -4.32
CA LEU B 43 15.76 14.38 -4.80
C LEU B 43 14.86 13.58 -5.77
N GLY B 44 15.34 13.39 -6.99
CA GLY B 44 14.66 12.52 -7.93
C GLY B 44 14.85 11.06 -7.57
N THR B 45 13.89 10.21 -7.92
CA THR B 45 13.99 8.81 -7.47
C THR B 45 13.81 7.78 -8.58
N TYR B 46 13.75 8.20 -9.84
CA TYR B 46 13.68 7.19 -10.89
C TYR B 46 15.00 6.44 -10.97
N SER B 47 14.92 5.11 -11.03
CA SER B 47 16.11 4.28 -11.20
C SER B 47 15.68 2.99 -11.90
N GLU B 48 16.50 2.51 -12.84
CA GLU B 48 16.11 1.35 -13.63
C GLU B 48 15.79 0.17 -12.72
N PRO B 49 14.51 -0.23 -12.67
CA PRO B 49 14.03 -1.23 -11.70
C PRO B 49 14.83 -2.54 -11.75
N LYS B 50 14.94 -3.15 -12.92
CA LYS B 50 15.55 -4.47 -13.02
C LYS B 50 16.99 -4.47 -12.55
N SER B 51 17.65 -3.32 -12.64
CA SER B 51 19.09 -3.26 -12.41
C SER B 51 19.50 -2.47 -11.17
N THR B 52 18.53 -2.09 -10.35
CA THR B 52 18.84 -1.29 -9.17
C THR B 52 18.64 -2.09 -7.89
N PRO B 53 19.69 -2.19 -7.06
CA PRO B 53 19.61 -3.00 -5.84
C PRO B 53 18.48 -2.55 -4.93
N LYS B 54 17.75 -3.51 -4.36
CA LYS B 54 16.72 -3.18 -3.40
C LYS B 54 17.32 -2.36 -2.26
N GLY B 55 16.61 -1.31 -1.84
CA GLY B 55 17.02 -0.52 -0.71
C GLY B 55 17.86 0.69 -1.05
N ALA B 56 18.34 0.74 -2.29
CA ALA B 56 19.15 1.87 -2.74
C ALA B 56 18.37 3.19 -2.65
N CYS B 57 17.11 3.16 -3.04
CA CYS B 57 16.28 4.36 -2.97
C CYS B 57 16.06 4.81 -1.53
N ALA B 58 15.75 3.86 -0.66
CA ALA B 58 15.55 4.17 0.76
C ALA B 58 16.80 4.78 1.41
N THR B 59 17.95 4.20 1.11
CA THR B 59 19.21 4.70 1.67
C THR B 59 19.43 6.13 1.20
N SER B 60 19.19 6.35 -0.09
CA SER B 60 19.43 7.64 -0.72
C SER B 60 18.52 8.73 -0.19
N VAL B 61 17.24 8.40 -0.01
CA VAL B 61 16.30 9.33 0.60
C VAL B 61 16.71 9.70 2.03
N LYS B 62 17.11 8.71 2.82
CA LYS B 62 17.62 9.01 4.16
C LYS B 62 18.84 9.95 4.11
N VAL B 63 19.80 9.63 3.26
CA VAL B 63 20.99 10.47 3.13
C VAL B 63 20.64 11.90 2.72
N ALA B 64 19.75 12.01 1.74
CA ALA B 64 19.28 13.32 1.28
C ALA B 64 18.66 14.14 2.40
N ILE B 65 17.76 13.52 3.16
CA ILE B 65 17.14 14.21 4.28
C ILE B 65 18.19 14.66 5.32
N ASP B 66 19.13 13.79 5.67
CA ASP B 66 20.21 14.17 6.57
C ASP B 66 20.97 15.36 6.01
N THR B 67 21.12 15.38 4.69
CA THR B 67 21.94 16.39 4.01
C THR B 67 21.26 17.76 4.00
N GLY B 68 19.93 17.74 4.06
CA GLY B 68 19.16 18.96 4.06
C GLY B 68 18.02 19.02 3.04
N TYR B 69 17.92 18.04 2.15
CA TYR B 69 16.79 18.04 1.23
C TYR B 69 15.49 17.90 2.03
N ARG B 70 14.44 18.57 1.57
CA ARG B 70 13.12 18.47 2.19
C ARG B 70 12.06 18.16 1.13
N HIS B 71 12.52 17.84 -0.08
CA HIS B 71 11.65 17.57 -1.22
C HIS B 71 12.10 16.25 -1.86
N ILE B 72 11.15 15.33 -2.06
CA ILE B 72 11.41 14.08 -2.76
C ILE B 72 10.41 13.93 -3.90
N ASP B 73 10.89 13.58 -5.08
CA ASP B 73 10.02 13.38 -6.23
C ASP B 73 9.99 11.90 -6.56
N GLY B 74 8.79 11.34 -6.70
CA GLY B 74 8.70 9.94 -7.03
C GLY B 74 7.45 9.59 -7.81
N ALA B 75 7.20 8.29 -7.92
CA ALA B 75 6.01 7.80 -8.61
C ALA B 75 5.81 6.33 -8.32
N TYR B 76 4.56 5.92 -8.16
CA TYR B 76 4.26 4.50 -8.03
C TYR B 76 4.93 3.68 -9.15
N ILE B 77 4.90 4.19 -10.37
CA ILE B 77 5.44 3.42 -11.50
C ILE B 77 6.97 3.28 -11.50
N TYR B 78 7.65 3.96 -10.59
CA TYR B 78 9.11 3.83 -10.48
C TYR B 78 9.46 2.56 -9.73
N GLN B 79 8.43 1.94 -9.16
CA GLN B 79 8.55 0.66 -8.45
CA GLN B 79 8.59 0.65 -8.48
C GLN B 79 9.25 0.75 -7.10
N ASN B 80 9.58 1.97 -6.68
CA ASN B 80 10.29 2.13 -5.42
C ASN B 80 9.62 3.11 -4.47
N GLU B 81 8.36 3.45 -4.75
CA GLU B 81 7.66 4.41 -3.92
C GLU B 81 7.57 3.96 -2.45
N HIS B 82 7.52 2.65 -2.22
CA HIS B 82 7.48 2.16 -0.83
C HIS B 82 8.79 2.47 -0.11
N GLU B 83 9.90 2.42 -0.86
CA GLU B 83 11.18 2.76 -0.27
C GLU B 83 11.25 4.24 0.09
N VAL B 84 10.65 5.10 -0.74
CA VAL B 84 10.56 6.51 -0.38
C VAL B 84 9.84 6.66 0.97
N GLY B 85 8.67 6.03 1.08
CA GLY B 85 7.90 6.07 2.31
C GLY B 85 8.65 5.58 3.54
N GLU B 86 9.36 4.47 3.41
CA GLU B 86 10.16 3.93 4.52
C GLU B 86 11.12 4.99 5.05
N ALA B 87 11.85 5.61 4.14
CA ALA B 87 12.85 6.61 4.49
C ALA B 87 12.23 7.83 5.18
N ILE B 88 11.16 8.37 4.60
CA ILE B 88 10.50 9.53 5.20
C ILE B 88 10.02 9.15 6.61
N ARG B 89 9.34 8.02 6.73
CA ARG B 89 8.80 7.60 8.01
C ARG B 89 9.91 7.34 9.05
N GLU B 90 11.01 6.72 8.62
CA GLU B 90 12.13 6.51 9.53
C GLU B 90 12.69 7.83 10.04
N LYS B 91 12.87 8.80 9.13
CA LYS B 91 13.41 10.10 9.51
C LYS B 91 12.45 10.92 10.37
N ILE B 92 11.16 10.70 10.21
CA ILE B 92 10.18 11.31 11.10
C ILE B 92 10.23 10.65 12.47
N ALA B 93 10.34 9.32 12.48
CA ALA B 93 10.39 8.58 13.74
C ALA B 93 11.64 8.91 14.56
N GLU B 94 12.71 9.34 13.91
CA GLU B 94 13.94 9.64 14.62
C GLU B 94 13.99 11.12 15.02
N GLY B 95 12.98 11.89 14.63
CA GLY B 95 12.85 13.27 15.03
C GLY B 95 13.66 14.25 14.20
N LYS B 96 14.31 13.75 13.15
CA LYS B 96 15.06 14.62 12.23
C LYS B 96 14.16 15.69 11.62
N VAL B 97 13.00 15.26 11.12
CA VAL B 97 12.02 16.17 10.53
C VAL B 97 10.62 15.79 11.01
N ARG B 98 9.67 16.69 10.80
CA ARG B 98 8.27 16.39 11.04
C ARG B 98 7.63 16.20 9.67
N ARG B 99 6.48 15.53 9.62
CA ARG B 99 5.80 15.31 8.34
C ARG B 99 5.66 16.61 7.57
N GLU B 100 5.34 17.70 8.27
CA GLU B 100 5.09 18.97 7.62
C GLU B 100 6.35 19.59 7.02
N ASP B 101 7.50 19.06 7.41
CA ASP B 101 8.77 19.57 6.91
C ASP B 101 9.10 18.97 5.55
N ILE B 102 8.49 17.82 5.25
CA ILE B 102 8.84 17.04 4.06
C ILE B 102 7.83 17.25 2.96
N PHE B 103 8.33 17.46 1.74
CA PHE B 103 7.47 17.68 0.58
C PHE B 103 7.60 16.46 -0.34
N TYR B 104 6.55 15.65 -0.44
CA TYR B 104 6.56 14.53 -1.41
C TYR B 104 5.66 14.78 -2.63
N CYS B 105 6.21 14.59 -3.84
CA CYS B 105 5.42 14.67 -5.08
C CYS B 105 5.24 13.29 -5.68
N GLY B 106 3.98 12.90 -5.89
CA GLY B 106 3.64 11.67 -6.58
C GLY B 106 2.98 11.98 -7.91
N LYS B 107 2.76 10.95 -8.71
CA LYS B 107 2.28 11.15 -10.08
C LYS B 107 1.23 10.12 -10.48
N LEU B 108 0.16 10.63 -11.11
CA LEU B 108 -0.90 9.80 -11.70
C LEU B 108 -0.48 9.38 -13.10
N TRP B 109 -0.28 8.08 -13.31
CA TRP B 109 0.17 7.58 -14.61
C TRP B 109 -0.94 7.52 -15.68
N ALA B 110 -0.51 7.40 -16.93
CA ALA B 110 -1.40 7.48 -18.09
C ALA B 110 -2.52 6.45 -18.08
N THR B 111 -2.26 5.29 -17.48
CA THR B 111 -3.26 4.22 -17.43
C THR B 111 -4.33 4.50 -16.40
N ASN B 112 -4.20 5.63 -15.70
CA ASN B 112 -5.10 5.93 -14.58
C ASN B 112 -5.81 7.28 -14.72
N HIS B 113 -6.03 7.69 -15.97
CA HIS B 113 -6.68 8.95 -16.29
C HIS B 113 -8.21 8.92 -16.14
N VAL B 114 -8.80 7.73 -16.21
CA VAL B 114 -10.26 7.62 -16.07
C VAL B 114 -10.68 8.21 -14.72
N PRO B 115 -11.62 9.16 -14.74
CA PRO B 115 -11.93 9.95 -13.53
C PRO B 115 -12.18 9.09 -12.31
N GLU B 116 -13.00 8.05 -12.45
CA GLU B 116 -13.33 7.18 -11.32
CA GLU B 116 -13.33 7.18 -11.33
C GLU B 116 -12.11 6.46 -10.75
N MET B 117 -11.02 6.41 -11.52
CA MET B 117 -9.82 5.72 -11.06
C MET B 117 -8.79 6.63 -10.36
N VAL B 118 -8.99 7.93 -10.46
CA VAL B 118 -7.99 8.86 -9.91
C VAL B 118 -7.82 8.73 -8.40
N ARG B 119 -8.93 8.80 -7.67
CA ARG B 119 -8.85 8.70 -6.22
C ARG B 119 -8.33 7.34 -5.74
N PRO B 120 -8.82 6.25 -6.32
CA PRO B 120 -8.28 4.95 -5.90
C PRO B 120 -6.79 4.81 -6.20
N THR B 121 -6.32 5.46 -7.27
CA THR B 121 -4.90 5.40 -7.61
C THR B 121 -4.08 6.16 -6.57
N LEU B 122 -4.57 7.33 -6.17
CA LEU B 122 -3.87 8.09 -5.14
C LEU B 122 -3.90 7.35 -3.80
N GLU B 123 -5.04 6.75 -3.47
CA GLU B 123 -5.14 5.95 -2.26
C GLU B 123 -4.13 4.80 -2.24
N ARG B 124 -3.89 4.20 -3.41
CA ARG B 124 -2.89 3.13 -3.50
C ARG B 124 -1.51 3.67 -3.13
N THR B 125 -1.15 4.82 -3.70
CA THR B 125 0.09 5.49 -3.36
C THR B 125 0.21 5.80 -1.86
N LEU B 126 -0.90 6.17 -1.23
CA LEU B 126 -0.87 6.46 0.20
C LEU B 126 -0.65 5.18 1.03
N ARG B 127 -1.25 4.08 0.60
CA ARG B 127 -0.95 2.77 1.19
C ARG B 127 0.53 2.43 1.08
N VAL B 128 1.07 2.57 -0.14
CA VAL B 128 2.48 2.29 -0.39
C VAL B 128 3.41 3.12 0.51
N LEU B 129 3.15 4.43 0.59
CA LEU B 129 3.92 5.33 1.46
C LEU B 129 3.67 5.13 2.95
N GLN B 130 2.50 4.56 3.27
CA GLN B 130 1.96 4.59 4.62
C GLN B 130 1.91 6.02 5.15
N LEU B 131 1.39 6.92 4.34
CA LEU B 131 1.19 8.31 4.74
C LEU B 131 -0.27 8.70 4.48
N ASP B 132 -0.73 9.78 5.13
CA ASP B 132 -2.13 10.21 5.02
C ASP B 132 -2.40 11.17 3.85
N TYR B 133 -1.37 11.84 3.36
CA TYR B 133 -1.51 12.73 2.22
C TYR B 133 -0.17 12.88 1.49
N VAL B 134 -0.21 13.32 0.23
CA VAL B 134 1.02 13.76 -0.44
C VAL B 134 0.94 15.27 -0.63
N ASP B 135 2.09 15.89 -0.78
CA ASP B 135 2.15 17.34 -0.88
C ASP B 135 1.78 17.85 -2.27
N LEU B 136 2.13 17.08 -3.29
CA LEU B 136 1.84 17.43 -4.66
C LEU B 136 1.53 16.15 -5.44
N TYR B 137 0.42 16.17 -6.17
CA TYR B 137 0.06 15.05 -7.03
C TYR B 137 -0.15 15.62 -8.42
N ILE B 138 0.52 15.02 -9.41
CA ILE B 138 0.48 15.59 -10.75
C ILE B 138 0.10 14.56 -11.79
N ILE B 139 -0.57 15.01 -12.85
CA ILE B 139 -0.83 14.18 -13.99
C ILE B 139 0.49 14.01 -14.74
N HIS B 140 0.98 12.78 -14.80
CA HIS B 140 2.34 12.48 -15.26
C HIS B 140 2.58 12.82 -16.74
N VAL B 141 1.60 12.49 -17.58
CA VAL B 141 1.59 12.88 -19.00
C VAL B 141 0.17 13.25 -19.41
N PRO B 142 0.03 14.04 -20.47
CA PRO B 142 -1.33 14.42 -20.90
C PRO B 142 -1.98 13.31 -21.72
N MET B 143 -1.24 12.24 -21.95
CA MET B 143 -1.71 11.12 -22.78
C MET B 143 -2.38 10.01 -21.96
N ALA B 144 -3.65 9.73 -22.25
CA ALA B 144 -4.33 8.62 -21.57
C ALA B 144 -4.03 7.29 -22.27
N PHE B 145 -3.67 6.28 -21.49
CA PHE B 145 -3.44 4.93 -21.99
C PHE B 145 -4.55 4.00 -21.50
N LYS B 146 -4.70 2.84 -22.14
CA LYS B 146 -5.67 1.83 -21.69
C LYS B 146 -5.50 1.47 -20.22
N PRO B 147 -6.58 1.58 -19.44
CA PRO B 147 -6.54 1.20 -18.03
C PRO B 147 -6.17 -0.28 -17.87
N GLY B 148 -5.53 -0.62 -16.75
CA GLY B 148 -5.03 -1.97 -16.53
C GLY B 148 -3.78 -1.99 -15.69
N ASP B 149 -3.38 -3.17 -15.23
CA ASP B 149 -2.18 -3.35 -14.43
C ASP B 149 -0.92 -2.91 -15.16
N GLU B 150 -0.84 -3.24 -16.45
CA GLU B 150 0.36 -2.94 -17.21
C GLU B 150 0.54 -1.44 -17.41
N ILE B 151 1.67 -0.92 -16.97
CA ILE B 151 2.01 0.49 -17.09
C ILE B 151 2.19 0.92 -18.54
N TYR B 152 2.76 0.01 -19.33
CA TYR B 152 3.07 0.26 -20.73
C TYR B 152 2.32 -0.71 -21.64
N PRO B 153 0.98 -0.56 -21.71
CA PRO B 153 0.12 -1.52 -22.41
C PRO B 153 0.33 -1.52 -23.93
N ARG B 154 0.68 -2.68 -24.46
CA ARG B 154 0.71 -2.89 -25.91
C ARG B 154 -0.02 -4.19 -26.24
N ASP B 155 -0.65 -4.26 -27.41
CA ASP B 155 -1.35 -5.47 -27.83
C ASP B 155 -0.38 -6.50 -28.42
N GLU B 156 -0.95 -7.56 -29.00
CA GLU B 156 -0.16 -8.67 -29.54
C GLU B 156 0.83 -8.22 -30.61
N ASN B 157 0.46 -7.20 -31.36
CA ASN B 157 1.30 -6.69 -32.44
C ASN B 157 2.18 -5.53 -32.01
N GLY B 158 2.34 -5.37 -30.69
CA GLY B 158 3.18 -4.33 -30.12
C GLY B 158 2.65 -2.92 -30.31
N LYS B 159 1.38 -2.81 -30.69
CA LYS B 159 0.79 -1.50 -30.89
C LYS B 159 0.33 -0.97 -29.54
N TRP B 160 0.71 0.28 -29.23
CA TRP B 160 0.37 0.89 -27.95
C TRP B 160 -1.14 1.02 -27.75
N LEU B 161 -1.59 0.71 -26.53
CA LEU B 161 -3.02 0.71 -26.26
C LEU B 161 -3.40 2.00 -25.56
N TYR B 162 -4.01 2.89 -26.32
CA TYR B 162 -4.36 4.22 -25.83
C TYR B 162 -5.82 4.26 -25.32
N HIS B 163 -6.17 5.40 -24.73
CA HIS B 163 -7.55 5.69 -24.37
C HIS B 163 -7.74 7.15 -24.77
N LYS B 164 -8.97 7.60 -24.93
CA LYS B 164 -9.14 9.00 -25.31
C LYS B 164 -8.91 9.94 -24.13
N SER B 165 -8.02 10.91 -24.31
CA SER B 165 -7.72 11.88 -23.26
C SER B 165 -8.93 12.79 -23.00
N ASN B 166 -9.21 13.04 -21.73
CA ASN B 166 -10.19 14.02 -21.33
C ASN B 166 -9.65 14.73 -20.10
N LEU B 167 -8.74 15.66 -20.35
CA LEU B 167 -7.98 16.32 -19.30
C LEU B 167 -8.86 17.09 -18.32
N CYS B 168 -9.90 17.73 -18.80
CA CYS B 168 -10.80 18.43 -17.90
C CYS B 168 -11.46 17.46 -16.89
N ALA B 169 -11.98 16.34 -17.39
CA ALA B 169 -12.62 15.36 -16.50
C ALA B 169 -11.61 14.71 -15.53
N THR B 170 -10.42 14.43 -16.01
CA THR B 170 -9.38 13.93 -15.13
C THR B 170 -9.00 14.98 -14.08
N TRP B 171 -8.88 16.23 -14.50
CA TRP B 171 -8.55 17.31 -13.57
C TRP B 171 -9.62 17.43 -12.48
N GLU B 172 -10.89 17.37 -12.89
CA GLU B 172 -11.96 17.42 -11.89
C GLU B 172 -11.81 16.33 -10.83
N ALA B 173 -11.41 15.14 -11.25
CA ALA B 173 -11.18 14.05 -10.30
C ALA B 173 -10.00 14.38 -9.38
N MET B 174 -8.99 15.04 -9.92
CA MET B 174 -7.84 15.46 -9.11
C MET B 174 -8.28 16.48 -8.06
N GLU B 175 -9.06 17.44 -8.50
CA GLU B 175 -9.57 18.48 -7.59
C GLU B 175 -10.33 17.85 -6.44
N ALA B 176 -11.11 16.82 -6.75
CA ALA B 176 -11.85 16.10 -5.73
C ALA B 176 -10.90 15.49 -4.70
N CYS B 177 -9.74 15.02 -5.16
CA CYS B 177 -8.78 14.45 -4.23
C CYS B 177 -8.27 15.49 -3.23
N LYS B 178 -8.01 16.69 -3.71
CA LYS B 178 -7.54 17.74 -2.81
C LYS B 178 -8.65 18.11 -1.82
N ASP B 179 -9.87 18.22 -2.32
CA ASP B 179 -11.00 18.52 -1.44
C ASP B 179 -11.16 17.43 -0.36
N ALA B 180 -10.72 16.22 -0.67
CA ALA B 180 -10.83 15.11 0.29
C ALA B 180 -9.68 15.12 1.29
N GLY B 181 -8.70 15.99 1.07
CA GLY B 181 -7.58 16.11 1.98
C GLY B 181 -6.45 15.12 1.74
N LEU B 182 -6.48 14.44 0.59
CA LEU B 182 -5.48 13.41 0.29
C LEU B 182 -4.24 13.99 -0.35
N VAL B 183 -4.31 15.25 -0.77
CA VAL B 183 -3.20 15.92 -1.42
C VAL B 183 -3.31 17.41 -1.19
N LYS B 184 -2.18 18.07 -0.90
CA LYS B 184 -2.17 19.52 -0.64
C LYS B 184 -2.27 20.35 -1.91
N SER B 185 -1.47 20.02 -2.91
CA SER B 185 -1.42 20.81 -4.13
C SER B 185 -1.51 19.93 -5.37
N LEU B 186 -2.04 20.49 -6.45
CA LEU B 186 -2.24 19.75 -7.71
C LEU B 186 -1.44 20.35 -8.85
N GLY B 187 -0.89 19.49 -9.71
CA GLY B 187 -0.12 19.97 -10.84
C GLY B 187 -0.13 19.03 -12.03
N VAL B 188 0.69 19.33 -13.02
CA VAL B 188 0.83 18.51 -14.20
C VAL B 188 2.29 18.25 -14.59
N SER B 189 2.47 17.44 -15.62
CA SER B 189 3.80 17.12 -16.11
C SER B 189 3.75 16.86 -17.61
N ASN B 190 4.76 17.34 -18.34
CA ASN B 190 4.79 17.11 -19.79
C ASN B 190 3.62 17.73 -20.54
N PHE B 191 3.06 18.80 -19.95
CA PHE B 191 1.98 19.53 -20.61
C PHE B 191 2.56 20.66 -21.45
N ASN B 192 2.05 20.82 -22.67
CA ASN B 192 2.43 21.94 -23.50
C ASN B 192 1.47 23.09 -23.24
N ARG B 193 1.67 24.21 -23.92
CA ARG B 193 0.88 25.40 -23.65
C ARG B 193 -0.62 25.16 -23.88
N ARG B 194 -0.94 24.48 -24.97
CA ARG B 194 -2.34 24.20 -25.32
C ARG B 194 -2.99 23.41 -24.21
N GLN B 195 -2.30 22.37 -23.73
CA GLN B 195 -2.83 21.52 -22.69
C GLN B 195 -3.03 22.26 -21.34
N LEU B 196 -2.08 23.12 -20.97
CA LEU B 196 -2.25 23.95 -19.79
C LEU B 196 -3.48 24.85 -19.92
N GLU B 197 -3.67 25.43 -21.10
CA GLU B 197 -4.80 26.33 -21.31
C GLU B 197 -6.17 25.64 -21.27
N LEU B 198 -6.23 24.40 -21.73
CA LEU B 198 -7.46 23.64 -21.61
C LEU B 198 -7.90 23.59 -20.16
N ILE B 199 -6.95 23.38 -19.26
CA ILE B 199 -7.30 23.36 -17.84
C ILE B 199 -7.54 24.78 -17.30
N LEU B 200 -6.64 25.70 -17.64
CA LEU B 200 -6.75 27.07 -17.14
C LEU B 200 -8.10 27.69 -17.49
N ASN B 201 -8.59 27.40 -18.69
CA ASN B 201 -9.84 28.00 -19.16
C ASN B 201 -11.08 27.17 -18.89
N LYS B 202 -10.93 26.11 -18.11
CA LYS B 202 -12.04 25.22 -17.83
C LYS B 202 -13.10 25.88 -16.96
N PRO B 203 -14.36 25.84 -17.42
CA PRO B 203 -15.48 26.38 -16.63
C PRO B 203 -15.60 25.67 -15.29
N GLY B 204 -15.76 26.44 -14.22
CA GLY B 204 -15.88 25.85 -12.90
C GLY B 204 -14.56 25.34 -12.33
N LEU B 205 -13.45 25.73 -12.94
CA LEU B 205 -12.13 25.42 -12.40
C LEU B 205 -12.10 25.77 -10.94
N LYS B 206 -11.72 24.83 -10.07
CA LYS B 206 -11.65 25.09 -8.64
CA LYS B 206 -11.66 25.08 -8.64
C LYS B 206 -10.21 25.24 -8.17
N HIS B 207 -9.34 24.35 -8.63
CA HIS B 207 -7.94 24.42 -8.27
C HIS B 207 -7.06 24.47 -9.52
N LYS B 208 -6.47 25.64 -9.75
CA LYS B 208 -5.51 25.84 -10.82
C LYS B 208 -4.27 24.94 -10.61
N PRO B 209 -3.69 24.41 -11.70
CA PRO B 209 -2.44 23.67 -11.53
C PRO B 209 -1.36 24.61 -10.99
N VAL B 210 -0.61 24.20 -9.98
CA VAL B 210 0.43 25.05 -9.41
C VAL B 210 1.81 24.82 -10.01
N SER B 211 1.96 23.71 -10.72
CA SER B 211 3.27 23.21 -11.11
C SER B 211 3.19 22.53 -12.47
N ASN B 212 4.21 22.69 -13.32
CA ASN B 212 4.36 21.87 -14.53
C ASN B 212 5.77 21.28 -14.54
N GLN B 213 5.86 19.97 -14.38
CA GLN B 213 7.15 19.29 -14.35
C GLN B 213 7.54 18.86 -15.75
N VAL B 214 8.60 19.48 -16.28
CA VAL B 214 9.05 19.22 -17.64
C VAL B 214 10.57 19.15 -17.67
N GLU B 215 11.11 18.60 -18.76
CA GLU B 215 12.56 18.50 -18.92
C GLU B 215 13.13 19.92 -19.02
N CYS B 216 14.15 20.21 -18.24
CA CYS B 216 14.73 21.55 -18.26
C CYS B 216 16.16 21.56 -17.73
N HIS B 217 17.05 22.10 -18.55
CA HIS B 217 18.48 22.17 -18.26
C HIS B 217 19.10 23.07 -19.33
N PRO B 218 20.41 23.34 -19.24
CA PRO B 218 20.99 24.27 -20.22
C PRO B 218 20.89 23.86 -21.70
N TYR B 219 20.71 22.58 -22.03
CA TYR B 219 20.54 22.21 -23.44
C TYR B 219 19.08 22.35 -23.90
N PHE B 220 18.17 22.45 -22.94
CA PHE B 220 16.76 22.60 -23.27
C PHE B 220 16.14 23.50 -22.21
N THR B 221 16.32 24.80 -22.40
CA THR B 221 16.04 25.78 -21.34
C THR B 221 14.57 26.15 -21.20
N GLN B 222 13.74 25.73 -22.16
CA GLN B 222 12.30 26.01 -22.11
C GLN B 222 11.98 27.50 -22.03
N PRO B 223 12.60 28.31 -22.91
CA PRO B 223 12.37 29.77 -22.89
C PRO B 223 10.88 30.14 -22.92
N LYS B 224 10.14 29.57 -23.87
CA LYS B 224 8.77 30.00 -24.11
C LYS B 224 7.77 29.39 -23.13
N LEU B 225 8.00 28.13 -22.77
CA LEU B 225 7.10 27.52 -21.81
C LEU B 225 7.29 28.13 -20.42
N LEU B 226 8.54 28.41 -20.05
CA LEU B 226 8.78 29.03 -18.76
C LEU B 226 8.09 30.40 -18.69
N LYS B 227 8.24 31.20 -19.74
CA LYS B 227 7.64 32.52 -19.76
C LYS B 227 6.12 32.43 -19.60
N PHE B 228 5.53 31.47 -20.30
CA PHE B 228 4.08 31.28 -20.24
C PHE B 228 3.65 30.88 -18.83
N CYS B 229 4.37 29.93 -18.24
CA CYS B 229 3.99 29.47 -16.91
C CYS B 229 4.13 30.60 -15.90
N GLN B 230 5.23 31.35 -15.98
CA GLN B 230 5.43 32.51 -15.11
C GLN B 230 4.22 33.45 -15.17
N GLN B 231 3.75 33.71 -16.38
CA GLN B 231 2.60 34.59 -16.58
C GLN B 231 1.31 34.06 -15.95
N HIS B 232 1.25 32.75 -15.73
CA HIS B 232 0.10 32.16 -15.09
C HIS B 232 0.35 31.68 -13.67
N ASP B 233 1.51 32.06 -13.11
CA ASP B 233 1.83 31.73 -11.74
C ASP B 233 1.93 30.22 -11.56
N ILE B 234 2.54 29.58 -12.55
CA ILE B 234 2.78 28.15 -12.50
C ILE B 234 4.27 27.96 -12.38
N VAL B 235 4.70 27.18 -11.39
CA VAL B 235 6.12 26.94 -11.21
C VAL B 235 6.55 25.77 -12.08
N ILE B 236 7.69 25.91 -12.75
CA ILE B 236 8.26 24.80 -13.49
C ILE B 236 9.14 24.01 -12.57
N THR B 237 8.95 22.70 -12.60
CA THR B 237 9.90 21.78 -11.98
C THR B 237 10.70 21.10 -13.10
N ALA B 238 12.02 21.25 -13.02
CA ALA B 238 12.89 20.72 -14.06
C ALA B 238 13.20 19.26 -13.78
N TYR B 239 12.59 18.35 -14.54
CA TYR B 239 13.05 16.97 -14.46
C TYR B 239 14.28 16.76 -15.34
N SER B 240 15.00 15.67 -15.11
CA SER B 240 16.30 15.44 -15.74
C SER B 240 17.16 16.71 -15.74
N PRO B 241 17.32 17.34 -14.57
CA PRO B 241 18.00 18.64 -14.54
C PRO B 241 19.50 18.55 -14.77
N LEU B 242 20.03 17.34 -14.67
CA LEU B 242 21.42 17.07 -14.97
C LEU B 242 21.58 16.38 -16.31
N GLY B 243 20.52 16.38 -17.13
CA GLY B 243 20.59 15.80 -18.47
C GLY B 243 20.33 14.31 -18.60
N THR B 244 19.80 13.69 -17.54
CA THR B 244 19.45 12.24 -17.53
C THR B 244 20.65 11.32 -17.32
N SER B 245 20.37 10.04 -17.08
CA SER B 245 21.42 9.03 -16.95
C SER B 245 21.90 8.55 -18.32
N ARG B 246 21.22 9.03 -19.37
CA ARG B 246 21.63 8.75 -20.76
C ARG B 246 21.48 7.27 -21.15
N ASN B 247 20.43 6.63 -20.63
CA ASN B 247 20.10 5.29 -21.06
C ASN B 247 19.53 5.30 -22.48
N PRO B 248 20.29 4.75 -23.44
CA PRO B 248 19.95 4.83 -24.87
C PRO B 248 18.58 4.23 -25.18
N ILE B 249 18.10 3.38 -24.28
CA ILE B 249 16.80 2.74 -24.45
C ILE B 249 15.68 3.77 -24.55
N TRP B 250 15.80 4.89 -23.84
CA TRP B 250 14.75 5.89 -23.85
C TRP B 250 15.25 7.34 -23.96
N VAL B 251 16.56 7.51 -23.98
CA VAL B 251 17.13 8.86 -24.07
C VAL B 251 17.74 9.13 -25.43
N ASN B 252 17.41 10.30 -25.97
CA ASN B 252 18.06 10.82 -27.14
C ASN B 252 19.50 11.13 -26.79
N VAL B 253 20.42 10.23 -27.14
CA VAL B 253 21.82 10.42 -26.78
C VAL B 253 22.56 11.16 -27.89
N SER B 254 21.81 11.88 -28.71
CA SER B 254 22.38 12.64 -29.82
C SER B 254 23.11 13.86 -29.32
N SER B 255 22.51 14.56 -28.37
CA SER B 255 23.20 15.61 -27.65
C SER B 255 24.24 14.97 -26.77
N PRO B 256 25.43 15.55 -26.73
CA PRO B 256 26.53 15.10 -25.89
C PRO B 256 26.18 15.22 -24.40
N PRO B 257 26.93 14.51 -23.53
CA PRO B 257 26.65 14.54 -22.10
C PRO B 257 26.68 15.96 -21.55
N LEU B 258 25.55 16.40 -21.00
CA LEU B 258 25.42 17.75 -20.45
C LEU B 258 26.57 18.10 -19.50
N LEU B 259 26.91 17.17 -18.61
CA LEU B 259 27.89 17.47 -17.57
C LEU B 259 29.34 17.54 -18.08
N LYS B 260 29.54 17.16 -19.34
CA LYS B 260 30.88 17.27 -19.95
C LYS B 260 31.01 18.57 -20.75
N ASP B 261 29.95 19.38 -20.76
CA ASP B 261 29.96 20.62 -21.51
C ASP B 261 31.14 21.51 -21.09
N ALA B 262 31.91 21.96 -22.08
CA ALA B 262 33.10 22.78 -21.82
C ALA B 262 32.81 24.02 -20.99
N LEU B 263 31.81 24.80 -21.39
CA LEU B 263 31.51 26.05 -20.73
C LEU B 263 31.05 25.79 -19.30
N LEU B 264 30.16 24.81 -19.13
CA LEU B 264 29.69 24.49 -17.80
C LEU B 264 30.84 24.10 -16.86
N ASN B 265 31.81 23.34 -17.38
CA ASN B 265 32.95 22.96 -16.56
C ASN B 265 33.87 24.15 -16.25
N SER B 266 34.02 25.04 -17.22
CA SER B 266 34.84 26.23 -17.01
C SER B 266 34.20 27.19 -16.00
N LEU B 267 32.88 27.34 -16.08
CA LEU B 267 32.18 28.16 -15.10
C LEU B 267 32.36 27.55 -13.71
N GLY B 268 32.30 26.22 -13.63
CA GLY B 268 32.53 25.52 -12.38
C GLY B 268 33.84 25.91 -11.71
N LYS B 269 34.90 25.96 -12.52
CA LYS B 269 36.22 26.32 -12.01
C LYS B 269 36.25 27.73 -11.40
N ARG B 270 35.38 28.61 -11.86
CA ARG B 270 35.32 29.97 -11.33
C ARG B 270 34.92 29.99 -9.86
N TYR B 271 34.20 28.94 -9.44
CA TYR B 271 33.61 28.92 -8.11
C TYR B 271 34.03 27.70 -7.29
N ASN B 272 34.95 26.92 -7.84
CA ASN B 272 35.30 25.64 -7.24
C ASN B 272 34.06 24.75 -7.07
N LYS B 273 33.28 24.67 -8.15
CA LYS B 273 32.06 23.87 -8.20
C LYS B 273 32.11 22.96 -9.43
N THR B 274 31.32 21.89 -9.40
CA THR B 274 31.25 20.98 -10.56
C THR B 274 30.24 21.51 -11.57
N ALA B 275 30.32 20.97 -12.78
CA ALA B 275 29.32 21.28 -13.80
C ALA B 275 27.91 21.03 -13.27
N ALA B 276 27.72 19.91 -12.57
CA ALA B 276 26.40 19.59 -12.03
C ALA B 276 25.91 20.72 -11.12
N GLN B 277 26.79 21.22 -10.26
CA GLN B 277 26.40 22.30 -9.36
C GLN B 277 26.08 23.58 -10.11
N ILE B 278 26.81 23.85 -11.20
CA ILE B 278 26.50 25.01 -11.99
C ILE B 278 25.10 24.90 -12.61
N VAL B 279 24.79 23.74 -13.21
CA VAL B 279 23.52 23.62 -13.91
C VAL B 279 22.33 23.64 -12.95
N LEU B 280 22.51 23.10 -11.76
CA LEU B 280 21.46 23.18 -10.73
C LEU B 280 21.29 24.61 -10.22
N ARG B 281 22.39 25.29 -9.90
CA ARG B 281 22.30 26.68 -9.48
C ARG B 281 21.61 27.54 -10.54
N PHE B 282 21.91 27.28 -11.81
CA PHE B 282 21.30 28.02 -12.91
C PHE B 282 19.78 28.00 -12.84
N ASN B 283 19.20 26.80 -12.79
CA ASN B 283 17.75 26.72 -12.74
C ASN B 283 17.15 27.30 -11.45
N ILE B 284 17.74 26.99 -10.30
CA ILE B 284 17.14 27.50 -9.07
C ILE B 284 17.22 29.02 -8.99
N GLN B 285 18.31 29.58 -9.51
CA GLN B 285 18.47 31.02 -9.46
C GLN B 285 17.41 31.75 -10.29
N ARG B 286 16.82 31.07 -11.27
CA ARG B 286 15.71 31.69 -12.00
C ARG B 286 14.32 31.19 -11.56
N GLY B 287 14.25 30.55 -10.39
CA GLY B 287 12.94 30.20 -9.83
C GLY B 287 12.40 28.89 -10.38
N VAL B 288 13.28 28.09 -10.96
CA VAL B 288 12.89 26.79 -11.45
C VAL B 288 13.30 25.72 -10.45
N VAL B 289 12.34 24.92 -10.01
CA VAL B 289 12.60 23.83 -9.06
C VAL B 289 13.38 22.74 -9.79
N VAL B 290 14.37 22.15 -9.11
CA VAL B 290 15.20 21.11 -9.71
C VAL B 290 15.13 19.81 -8.90
N ILE B 291 15.04 18.67 -9.59
CA ILE B 291 14.92 17.40 -8.88
C ILE B 291 15.96 16.36 -9.32
N PRO B 292 17.26 16.70 -9.17
CA PRO B 292 18.32 15.78 -9.57
C PRO B 292 18.21 14.45 -8.84
N LYS B 293 18.38 13.38 -9.59
CA LYS B 293 18.44 12.04 -9.01
C LYS B 293 19.89 11.65 -8.76
N SER B 294 20.16 11.17 -7.55
CA SER B 294 21.41 10.47 -7.26
C SER B 294 21.20 9.46 -6.16
N PHE B 295 21.71 8.25 -6.36
CA PHE B 295 21.68 7.25 -5.30
C PHE B 295 23.12 7.04 -4.81
N ASN B 296 23.96 8.04 -5.08
CA ASN B 296 25.34 8.02 -4.63
C ASN B 296 25.54 9.01 -3.50
N LEU B 297 26.07 8.51 -2.40
CA LEU B 297 26.29 9.30 -1.19
C LEU B 297 26.96 10.64 -1.45
N GLU B 298 28.07 10.63 -2.17
CA GLU B 298 28.82 11.87 -2.39
C GLU B 298 28.08 12.82 -3.32
N ARG B 299 27.46 12.26 -4.37
CA ARG B 299 26.82 13.11 -5.37
C ARG B 299 25.54 13.73 -4.84
N ILE B 300 24.82 12.99 -3.99
CA ILE B 300 23.67 13.54 -3.29
C ILE B 300 24.04 14.76 -2.48
N LYS B 301 25.15 14.68 -1.75
CA LYS B 301 25.66 15.83 -1.01
C LYS B 301 26.11 16.93 -1.97
N GLU B 302 26.86 16.54 -3.00
CA GLU B 302 27.35 17.51 -3.99
C GLU B 302 26.21 18.38 -4.54
N ASN B 303 25.14 17.72 -4.98
CA ASN B 303 24.03 18.40 -5.62
C ASN B 303 23.31 19.44 -4.76
N PHE B 304 23.43 19.30 -3.43
CA PHE B 304 22.74 20.18 -2.50
C PHE B 304 23.54 21.44 -2.19
N GLN B 305 24.84 21.43 -2.50
CA GLN B 305 25.72 22.56 -2.18
C GLN B 305 25.62 23.64 -3.24
N ILE B 306 24.46 24.26 -3.35
CA ILE B 306 24.25 25.26 -4.39
C ILE B 306 23.67 26.54 -3.80
N PHE B 307 23.90 26.76 -2.50
CA PHE B 307 23.42 27.96 -1.86
C PHE B 307 24.56 28.82 -1.33
N ASP B 308 25.80 28.37 -1.53
CA ASP B 308 26.95 29.12 -1.02
C ASP B 308 27.62 29.94 -2.11
N PHE B 309 26.99 30.00 -3.28
CA PHE B 309 27.48 30.85 -4.35
C PHE B 309 26.32 31.29 -5.21
N SER B 310 26.59 32.16 -6.16
CA SER B 310 25.57 32.58 -7.11
C SER B 310 26.20 32.78 -8.47
N LEU B 311 25.37 32.86 -9.51
CA LEU B 311 25.87 33.12 -10.86
C LEU B 311 25.66 34.58 -11.16
N THR B 312 26.61 35.23 -11.82
CA THR B 312 26.41 36.63 -12.19
C THR B 312 25.36 36.70 -13.28
N GLU B 313 24.83 37.89 -13.52
CA GLU B 313 23.89 38.08 -14.62
C GLU B 313 24.49 37.67 -15.97
N GLU B 314 25.77 37.95 -16.14
CA GLU B 314 26.47 37.56 -17.37
C GLU B 314 26.53 36.04 -17.48
N GLU B 315 26.87 35.38 -16.38
CA GLU B 315 26.97 33.92 -16.38
C GLU B 315 25.63 33.22 -16.63
N MET B 316 24.55 33.82 -16.11
CA MET B 316 23.21 33.32 -16.41
C MET B 316 22.96 33.39 -17.91
N LYS B 317 23.36 34.50 -18.53
CA LYS B 317 23.20 34.62 -19.98
C LYS B 317 24.10 33.64 -20.75
N ASP B 318 25.33 33.43 -20.28
CA ASP B 318 26.22 32.44 -20.89
C ASP B 318 25.56 31.08 -20.93
N ILE B 319 24.92 30.71 -19.84
CA ILE B 319 24.32 29.39 -19.72
C ILE B 319 23.04 29.26 -20.53
N GLU B 320 22.20 30.30 -20.51
CA GLU B 320 20.98 30.29 -21.32
C GLU B 320 21.34 30.07 -22.78
N ALA B 321 22.51 30.60 -23.16
CA ALA B 321 22.90 30.56 -24.58
C ALA B 321 23.31 29.15 -25.03
N LEU B 322 23.41 28.22 -24.09
CA LEU B 322 23.75 26.83 -24.43
C LEU B 322 22.52 26.08 -24.97
N ASN B 323 21.36 26.72 -24.90
CA ASN B 323 20.13 26.08 -25.35
C ASN B 323 20.22 25.55 -26.78
N LYS B 324 19.96 24.26 -26.94
CA LYS B 324 20.00 23.62 -28.24
C LYS B 324 18.58 23.39 -28.78
N ASN B 325 17.61 23.54 -27.89
CA ASN B 325 16.25 23.14 -28.21
C ASN B 325 16.20 21.67 -28.69
N VAL B 326 17.05 20.83 -28.12
CA VAL B 326 16.97 19.41 -28.37
C VAL B 326 16.66 18.70 -27.04
N ARG B 327 15.61 17.88 -27.03
CA ARG B 327 15.23 17.13 -25.83
C ARG B 327 16.06 15.89 -25.65
N PHE B 328 16.44 15.59 -24.41
CA PHE B 328 16.95 14.27 -24.08
C PHE B 328 15.79 13.27 -23.98
N VAL B 329 14.61 13.78 -23.63
CA VAL B 329 13.46 12.91 -23.39
C VAL B 329 12.33 13.24 -24.38
N GLU B 330 12.33 12.52 -25.51
CA GLU B 330 11.42 12.81 -26.62
C GLU B 330 10.16 11.94 -26.60
N LEU B 331 10.23 10.78 -25.98
CA LEU B 331 9.09 9.87 -25.89
C LEU B 331 8.54 9.54 -27.27
N LEU B 332 9.44 9.25 -28.22
CA LEU B 332 9.02 9.13 -29.62
C LEU B 332 8.03 7.98 -29.90
N MET B 333 8.04 6.98 -29.01
CA MET B 333 7.15 5.83 -29.18
C MET B 333 5.70 6.24 -29.07
N TRP B 334 5.44 7.40 -28.48
CA TRP B 334 4.06 7.86 -28.30
C TRP B 334 3.73 9.04 -29.19
N ARG B 335 4.54 9.30 -30.20
CA ARG B 335 4.30 10.47 -31.06
C ARG B 335 2.96 10.45 -31.83
N ASP B 336 2.32 9.29 -31.91
CA ASP B 336 1.02 9.16 -32.58
C ASP B 336 -0.17 9.28 -31.63
N HIS B 337 0.07 9.41 -30.33
CA HIS B 337 -1.04 9.70 -29.42
C HIS B 337 -1.53 11.09 -29.74
N PRO B 338 -2.86 11.26 -29.83
CA PRO B 338 -3.44 12.57 -30.15
C PRO B 338 -3.03 13.69 -29.17
N GLU B 339 -2.68 13.32 -27.94
CA GLU B 339 -2.25 14.32 -26.97
C GLU B 339 -0.74 14.30 -26.74
N TYR B 340 0.01 13.75 -27.68
CA TYR B 340 1.47 13.82 -27.63
C TYR B 340 1.83 15.29 -27.50
N PRO B 341 2.64 15.64 -26.49
CA PRO B 341 2.85 17.03 -26.13
C PRO B 341 3.89 17.78 -26.94
N PHE B 342 4.81 17.06 -27.60
CA PHE B 342 5.98 17.73 -28.16
C PHE B 342 5.94 18.05 -29.65
N HIS B 343 4.79 17.93 -30.31
CA HIS B 343 4.70 18.41 -31.69
C HIS B 343 4.69 19.93 -31.73
N ASP B 344 3.94 20.54 -30.81
CA ASP B 344 3.84 22.00 -30.77
C ASP B 344 5.18 22.60 -30.43
N GLU B 345 5.41 23.82 -30.90
CA GLU B 345 6.62 24.56 -30.55
C GLU B 345 6.83 24.58 -29.04
N TYR B 346 5.75 24.80 -28.29
CA TYR B 346 5.81 24.75 -26.84
C TYR B 346 4.40 24.62 -26.28
#